data_2DM6
#
_entry.id   2DM6
#
_cell.length_a   58.253
_cell.length_b   76.075
_cell.length_c   79.646
_cell.angle_alpha   90.00
_cell.angle_beta   102.62
_cell.angle_gamma   90.00
#
_symmetry.space_group_name_H-M   'P 1 21 1'
#
loop_
_entity.id
_entity.type
_entity.pdbx_description
1 polymer 'NADP-dependent leukotriene B4 12-hydroxydehydrogenase'
2 non-polymer 'NADP NICOTINAMIDE-ADENINE-DINUCLEOTIDE PHOSPHATE'
3 non-polymer INDOMETHACIN
4 non-polymer TRIS(HYDROXYETHYL)AMINOMETHANE
5 water water
#
_entity_poly.entity_id   1
_entity_poly.type   'polypeptide(L)'
_entity_poly.pdbx_seq_one_letter_code
;SPEFMVKAKSWTLKKHFQGKPTQSDFELKTVELPPLKNGEVLLEALFLSVDPYMRIASKRLKEGAVMMGQQVARVVESKN
SAFPAGSIVLAQSGWTTHFISDGKGLEKLLTEWPDKLPLSLALGTIGMPGLTAYFGLLEVCGVKGGETVLVSAAAGAVGS
VVGQIAKLKGCKVVGAAGSDEKIAYLKQIGFDAAFNYKTVNSLEEALKKASPDGYDCYFDNVGGEFLNTVLSQMKDFGKI
AICGAISVYNRMDQLPPGPSPESIIYKQLRIEGFIVYRWQGDVREKALRDLMKWVLEGKIQYHEHVTKGFENMPAAFIEM
LNGANLGKAVVTA
;
_entity_poly.pdbx_strand_id   A,B
#
# COMPACT_ATOMS: atom_id res chain seq x y z
N GLU A 3 -33.26 41.08 27.59
CA GLU A 3 -32.48 39.81 27.48
C GLU A 3 -33.40 38.59 27.51
N PHE A 4 -33.31 37.77 26.46
CA PHE A 4 -34.04 36.51 26.40
C PHE A 4 -33.09 35.32 26.44
N MET A 5 -33.51 34.27 27.14
CA MET A 5 -32.69 33.09 27.34
C MET A 5 -32.65 32.24 26.07
N VAL A 6 -31.44 31.88 25.64
CA VAL A 6 -31.28 31.03 24.47
C VAL A 6 -31.11 29.58 24.92
N LYS A 7 -32.02 28.74 24.43
CA LYS A 7 -31.98 27.32 24.75
C LYS A 7 -31.37 26.52 23.59
N ALA A 8 -30.16 26.02 23.82
CA ALA A 8 -29.45 25.22 22.83
C ALA A 8 -29.86 23.75 22.95
N LYS A 9 -30.37 23.20 21.86
CA LYS A 9 -30.68 21.78 21.78
C LYS A 9 -29.47 21.06 21.18
N SER A 10 -29.08 19.96 21.80
CA SER A 10 -27.91 19.19 21.36
C SER A 10 -28.20 17.70 21.33
N TRP A 11 -27.67 17.02 20.31
CA TRP A 11 -27.72 15.57 20.23
C TRP A 11 -26.50 14.97 20.90
N THR A 12 -26.74 14.06 21.86
CA THR A 12 -25.67 13.43 22.61
C THR A 12 -25.55 11.94 22.28
N LEU A 13 -24.36 11.39 22.50
CA LEU A 13 -24.13 9.96 22.36
C LEU A 13 -24.59 9.23 23.62
N LYS A 14 -25.86 8.81 23.63
CA LYS A 14 -26.44 8.06 24.76
C LYS A 14 -25.70 6.74 25.00
N LYS A 15 -25.49 5.97 23.93
CA LYS A 15 -24.81 4.69 23.98
C LYS A 15 -23.89 4.53 22.79
N HIS A 16 -22.71 3.94 23.01
CA HIS A 16 -21.76 3.63 21.94
C HIS A 16 -22.38 2.73 20.87
N PHE A 17 -21.92 2.91 19.63
CA PHE A 17 -22.49 2.22 18.48
C PHE A 17 -22.08 0.76 18.40
N GLN A 18 -23.06 -0.12 18.25
CA GLN A 18 -22.81 -1.55 18.05
C GLN A 18 -23.38 -1.99 16.71
N GLY A 19 -22.48 -2.23 15.76
CA GLY A 19 -22.84 -2.49 14.38
C GLY A 19 -23.27 -1.19 13.72
N LYS A 20 -24.48 -1.18 13.18
CA LYS A 20 -25.06 0.02 12.59
C LYS A 20 -25.68 0.88 13.71
N PRO A 21 -25.43 2.20 13.69
CA PRO A 21 -26.04 3.11 14.66
C PRO A 21 -27.56 3.11 14.57
N THR A 22 -28.21 3.25 15.71
CA THR A 22 -29.68 3.25 15.78
C THR A 22 -30.18 4.50 16.45
N GLN A 23 -31.46 4.82 16.24
CA GLN A 23 -32.10 6.01 16.79
C GLN A 23 -31.91 6.14 18.31
N SER A 24 -31.91 5.00 19.00
CA SER A 24 -31.84 4.95 20.46
C SER A 24 -30.43 5.09 21.03
N ASP A 25 -29.43 5.14 20.14
CA ASP A 25 -28.05 5.42 20.54
C ASP A 25 -27.83 6.92 20.76
N PHE A 26 -28.87 7.71 20.52
CA PHE A 26 -28.81 9.16 20.60
C PHE A 26 -29.81 9.70 21.62
N GLU A 27 -29.44 10.81 22.27
CA GLU A 27 -30.33 11.47 23.23
C GLU A 27 -30.22 12.99 23.15
N LEU A 28 -31.35 13.64 22.90
CA LEU A 28 -31.42 15.10 22.85
C LEU A 28 -31.34 15.70 24.25
N LYS A 29 -30.51 16.73 24.39
CA LYS A 29 -30.50 17.56 25.60
C LYS A 29 -30.78 19.02 25.24
N THR A 30 -31.39 19.74 26.19
CA THR A 30 -31.65 21.16 26.03
C THR A 30 -30.98 21.89 27.20
N VAL A 31 -30.22 22.93 26.87
CA VAL A 31 -29.46 23.70 27.85
C VAL A 31 -29.67 25.20 27.65
N GLU A 32 -29.98 25.90 28.73
CA GLU A 32 -30.02 27.37 28.70
C GLU A 32 -28.60 27.91 28.68
N LEU A 33 -28.26 28.64 27.62
CA LEU A 33 -26.92 29.21 27.47
C LEU A 33 -26.75 30.46 28.34
N PRO A 34 -25.51 30.72 28.80
CA PRO A 34 -25.18 31.97 29.50
C PRO A 34 -25.06 33.16 28.54
N PRO A 35 -25.12 34.40 29.06
CA PRO A 35 -24.86 35.58 28.22
C PRO A 35 -23.44 35.63 27.68
N LEU A 36 -23.25 36.34 26.56
CA LEU A 36 -21.93 36.45 25.94
C LEU A 36 -20.99 37.32 26.76
N LYS A 37 -19.73 36.87 26.85
CA LYS A 37 -18.65 37.70 27.37
C LYS A 37 -18.01 38.41 26.18
N ASN A 38 -17.23 39.46 26.45
CA ASN A 38 -16.49 40.14 25.40
C ASN A 38 -15.55 39.18 24.68
N GLY A 39 -15.50 39.30 23.36
CA GLY A 39 -14.65 38.42 22.54
C GLY A 39 -15.37 37.16 22.08
N GLU A 40 -16.63 37.02 22.48
CA GLU A 40 -17.42 35.84 22.12
C GLU A 40 -18.56 36.13 21.13
N VAL A 41 -19.03 35.07 20.46
CA VAL A 41 -20.17 35.15 19.56
C VAL A 41 -21.20 34.09 19.92
N LEU A 42 -22.47 34.36 19.60
CA LEU A 42 -23.54 33.38 19.69
C LEU A 42 -23.91 32.94 18.29
N LEU A 43 -23.80 31.64 18.05
CA LEU A 43 -24.03 31.06 16.74
C LEU A 43 -25.32 30.25 16.72
N GLU A 44 -26.03 30.33 15.60
CA GLU A 44 -27.23 29.53 15.39
C GLU A 44 -27.01 28.70 14.14
N ALA A 45 -27.10 27.37 14.29
CA ALA A 45 -26.89 26.44 13.19
C ALA A 45 -27.86 26.69 12.04
N LEU A 46 -27.35 26.70 10.83
CA LEU A 46 -28.17 26.81 9.63
C LEU A 46 -28.20 25.46 8.92
N PHE A 47 -27.02 24.90 8.69
CA PHE A 47 -26.85 23.61 8.04
C PHE A 47 -25.82 22.81 8.81
N LEU A 48 -26.17 21.58 9.17
CA LEU A 48 -25.26 20.71 9.93
C LEU A 48 -24.86 19.50 9.11
N SER A 49 -23.56 19.23 9.07
CA SER A 49 -23.03 18.08 8.34
C SER A 49 -23.13 16.79 9.14
N VAL A 50 -23.43 15.70 8.45
CA VAL A 50 -23.18 14.36 8.97
C VAL A 50 -22.18 13.68 8.04
N ASP A 51 -21.23 12.96 8.61
CA ASP A 51 -20.10 12.41 7.85
C ASP A 51 -19.74 11.01 8.35
N PRO A 52 -19.17 10.17 7.46
CA PRO A 52 -18.68 8.84 7.85
C PRO A 52 -17.72 8.81 9.06
N TYR A 53 -16.80 9.78 9.14
CA TYR A 53 -15.80 9.81 10.23
C TYR A 53 -16.43 9.86 11.64
N MET A 54 -17.67 10.30 11.71
CA MET A 54 -18.40 10.37 12.98
C MET A 54 -18.64 8.97 13.57
N ARG A 55 -18.71 7.97 12.68
CA ARG A 55 -18.81 6.57 13.08
C ARG A 55 -17.55 6.09 13.78
N ILE A 56 -16.40 6.60 13.35
CA ILE A 56 -15.11 6.26 13.94
C ILE A 56 -14.84 7.10 15.20
N ALA A 57 -14.97 8.42 15.06
CA ALA A 57 -14.66 9.36 16.13
C ALA A 57 -15.54 9.19 17.38
N SER A 58 -16.72 8.60 17.19
CA SER A 58 -17.66 8.37 18.28
C SER A 58 -17.11 7.40 19.33
N LYS A 59 -16.09 6.64 18.95
CA LYS A 59 -15.43 5.68 19.84
C LYS A 59 -14.75 6.37 21.03
N ARG A 60 -14.05 7.47 20.74
CA ARG A 60 -13.29 8.21 21.75
C ARG A 60 -14.16 9.07 22.68
N LEU A 61 -15.40 9.33 22.27
CA LEU A 61 -16.34 10.10 23.08
C LEU A 61 -16.70 9.40 24.38
N LYS A 62 -16.81 10.20 25.45
CA LYS A 62 -17.36 9.73 26.70
C LYS A 62 -18.88 9.71 26.54
N GLU A 63 -19.46 8.51 26.67
CA GLU A 63 -20.91 8.32 26.57
C GLU A 63 -21.70 9.42 27.32
N GLY A 64 -22.50 10.16 26.56
CA GLY A 64 -23.27 11.28 27.09
C GLY A 64 -22.86 12.63 26.52
N ALA A 65 -21.66 12.67 25.94
CA ALA A 65 -21.13 13.89 25.31
C ALA A 65 -21.89 14.24 24.02
N VAL A 66 -21.69 15.48 23.56
CA VAL A 66 -22.27 15.94 22.30
C VAL A 66 -21.49 15.35 21.13
N MET A 67 -22.23 14.88 20.13
CA MET A 67 -21.63 14.36 18.90
C MET A 67 -20.84 15.43 18.17
N MET A 68 -19.67 15.05 17.65
CA MET A 68 -18.79 15.97 16.92
C MET A 68 -19.29 16.26 15.51
N GLY A 69 -18.84 17.37 14.93
CA GLY A 69 -19.18 17.71 13.55
C GLY A 69 -19.11 19.19 13.25
N GLN A 70 -19.00 19.50 11.95
CA GLN A 70 -18.94 20.87 11.47
C GLN A 70 -20.33 21.31 11.03
N GLN A 71 -20.59 22.61 11.19
CA GLN A 71 -21.83 23.19 10.70
C GLN A 71 -21.59 24.57 10.10
N VAL A 72 -22.54 25.02 9.30
CA VAL A 72 -22.58 26.40 8.85
C VAL A 72 -23.57 27.10 9.76
N ALA A 73 -23.13 28.20 10.37
CA ALA A 73 -23.92 28.90 11.37
C ALA A 73 -23.96 30.41 11.11
N ARG A 74 -25.06 31.04 11.51
CA ARG A 74 -25.18 32.49 11.47
C ARG A 74 -24.78 33.07 12.82
N VAL A 75 -24.02 34.15 12.81
CA VAL A 75 -23.72 34.87 14.05
C VAL A 75 -24.93 35.71 14.44
N VAL A 76 -25.59 35.32 15.53
CA VAL A 76 -26.80 35.99 16.01
C VAL A 76 -26.46 37.24 16.82
N GLU A 77 -25.55 37.08 17.79
CA GLU A 77 -25.04 38.16 18.63
C GLU A 77 -23.54 38.06 18.63
N SER A 78 -22.84 39.20 18.66
CA SER A 78 -21.38 39.20 18.63
C SER A 78 -20.75 40.25 19.52
N LYS A 79 -19.78 39.83 20.32
CA LYS A 79 -18.86 40.75 20.98
C LYS A 79 -17.46 40.44 20.46
N ASN A 80 -17.39 40.02 19.20
CA ASN A 80 -16.15 39.67 18.54
C ASN A 80 -16.13 40.35 17.17
N SER A 81 -15.22 41.30 17.00
CA SER A 81 -15.19 42.16 15.81
C SER A 81 -14.82 41.43 14.53
N ALA A 82 -14.16 40.29 14.66
CA ALA A 82 -13.79 39.48 13.50
C ALA A 82 -15.00 38.76 12.91
N PHE A 83 -16.00 38.52 13.77
CA PHE A 83 -17.23 37.84 13.37
C PHE A 83 -18.47 38.68 13.72
N PRO A 84 -18.82 39.63 12.84
CA PRO A 84 -19.94 40.54 13.10
C PRO A 84 -21.28 39.82 13.09
N ALA A 85 -22.27 40.38 13.77
CA ALA A 85 -23.62 39.84 13.77
C ALA A 85 -24.15 39.74 12.34
N GLY A 86 -24.79 38.63 12.02
CA GLY A 86 -25.32 38.40 10.68
C GLY A 86 -24.36 37.70 9.73
N SER A 87 -23.08 37.65 10.10
CA SER A 87 -22.08 36.95 9.28
C SER A 87 -22.22 35.43 9.40
N ILE A 88 -21.68 34.72 8.42
CA ILE A 88 -21.82 33.28 8.35
C ILE A 88 -20.46 32.65 8.61
N VAL A 89 -20.43 31.62 9.44
CA VAL A 89 -19.19 30.92 9.74
C VAL A 89 -19.32 29.41 9.62
N LEU A 90 -18.18 28.77 9.39
CA LEU A 90 -18.03 27.34 9.58
C LEU A 90 -17.52 27.11 11.00
N ALA A 91 -18.17 26.20 11.72
CA ALA A 91 -17.85 25.95 13.12
C ALA A 91 -17.81 24.47 13.41
N GLN A 92 -16.74 24.02 14.07
CA GLN A 92 -16.65 22.66 14.56
C GLN A 92 -17.32 22.60 15.94
N SER A 93 -18.64 22.78 15.95
CA SER A 93 -19.39 22.93 17.20
C SER A 93 -20.22 21.69 17.57
N GLY A 94 -20.16 20.66 16.73
CA GLY A 94 -20.95 19.45 16.98
C GLY A 94 -22.42 19.61 16.66
N TRP A 95 -23.21 18.61 17.05
CA TRP A 95 -24.64 18.58 16.74
C TRP A 95 -25.41 19.43 17.75
N THR A 96 -25.49 20.72 17.49
CA THR A 96 -26.18 21.66 18.38
C THR A 96 -26.86 22.80 17.61
N THR A 97 -28.01 23.25 18.09
CA THR A 97 -28.77 24.32 17.42
C THR A 97 -28.13 25.70 17.64
N HIS A 98 -27.46 25.85 18.78
CA HIS A 98 -26.84 27.13 19.20
C HIS A 98 -25.55 26.84 19.94
N PHE A 99 -24.61 27.77 19.86
CA PHE A 99 -23.25 27.54 20.34
C PHE A 99 -22.54 28.86 20.62
N ILE A 100 -21.85 28.93 21.77
CA ILE A 100 -21.04 30.10 22.10
C ILE A 100 -19.57 29.80 21.86
N SER A 101 -18.91 30.68 21.11
CA SER A 101 -17.49 30.52 20.77
C SER A 101 -16.76 31.82 20.99
N ASP A 102 -15.47 31.72 21.33
CA ASP A 102 -14.61 32.90 21.44
C ASP A 102 -13.85 33.11 20.14
N GLY A 103 -14.31 32.48 19.05
CA GLY A 103 -13.62 32.53 17.76
C GLY A 103 -12.75 31.32 17.51
N LYS A 104 -12.55 30.51 18.56
CA LYS A 104 -11.70 29.30 18.56
C LYS A 104 -11.73 28.47 17.28
N GLY A 105 -12.78 27.67 17.12
CA GLY A 105 -12.87 26.75 15.98
C GLY A 105 -13.71 27.29 14.85
N LEU A 106 -13.58 28.59 14.59
CA LEU A 106 -14.41 29.28 13.60
C LEU A 106 -13.64 29.58 12.33
N GLU A 107 -14.25 29.26 11.19
CA GLU A 107 -13.68 29.54 9.88
C GLU A 107 -14.65 30.39 9.09
N LYS A 108 -14.15 31.51 8.56
CA LYS A 108 -14.95 32.35 7.69
C LYS A 108 -15.11 31.65 6.33
N LEU A 109 -16.28 31.78 5.71
CA LEU A 109 -16.51 31.21 4.38
C LEU A 109 -15.68 31.94 3.36
N LEU A 110 -15.39 31.28 2.23
CA LEU A 110 -14.69 31.92 1.11
C LEU A 110 -15.28 33.30 0.87
N THR A 111 -14.41 34.31 0.77
CA THR A 111 -14.87 35.67 0.49
C THR A 111 -15.38 35.73 -0.95
N GLU A 112 -16.37 36.59 -1.19
CA GLU A 112 -17.01 36.71 -2.50
C GLU A 112 -17.91 35.49 -2.79
N TRP A 113 -18.40 34.84 -1.72
CA TRP A 113 -19.32 33.71 -1.85
C TRP A 113 -20.60 34.18 -2.51
N PRO A 114 -20.95 33.58 -3.66
CA PRO A 114 -22.11 34.00 -4.44
C PRO A 114 -23.42 33.57 -3.80
N ASP A 115 -24.39 34.48 -3.75
CA ASP A 115 -25.71 34.17 -3.21
C ASP A 115 -26.40 33.03 -3.97
N LYS A 116 -26.09 32.91 -5.26
CA LYS A 116 -26.65 31.82 -6.08
C LYS A 116 -26.26 30.42 -5.58
N LEU A 117 -25.18 30.33 -4.81
CA LEU A 117 -24.74 29.04 -4.26
C LEU A 117 -25.20 28.82 -2.83
N PRO A 118 -25.92 27.70 -2.58
CA PRO A 118 -26.36 27.36 -1.23
C PRO A 118 -25.19 27.30 -0.25
N LEU A 119 -25.36 27.92 0.92
CA LEU A 119 -24.27 28.01 1.90
C LEU A 119 -23.83 26.64 2.37
N SER A 120 -24.74 25.67 2.31
CA SER A 120 -24.46 24.29 2.70
C SER A 120 -23.38 23.61 1.85
N LEU A 121 -23.07 24.18 0.68
CA LEU A 121 -21.94 23.70 -0.13
C LEU A 121 -20.59 23.85 0.58
N ALA A 122 -20.54 24.76 1.55
CA ALA A 122 -19.34 24.93 2.38
C ALA A 122 -19.02 23.69 3.25
N LEU A 123 -19.99 22.78 3.38
CA LEU A 123 -19.81 21.52 4.11
C LEU A 123 -19.53 20.34 3.17
N GLY A 124 -19.56 20.59 1.87
CA GLY A 124 -19.45 19.52 0.88
C GLY A 124 -18.49 19.84 -0.24
N THR A 125 -19.05 19.99 -1.44
CA THR A 125 -18.29 20.24 -2.67
C THR A 125 -17.27 21.38 -2.57
N ILE A 126 -17.67 22.48 -1.94
CA ILE A 126 -16.75 23.63 -1.73
C ILE A 126 -16.36 23.66 -0.25
N GLY A 127 -15.87 22.52 0.23
CA GLY A 127 -15.61 22.33 1.65
C GLY A 127 -14.78 21.08 1.85
N MET A 128 -14.84 20.49 3.04
CA MET A 128 -13.96 19.37 3.39
C MET A 128 -14.01 18.14 2.43
N PRO A 129 -15.21 17.61 2.15
CA PRO A 129 -15.25 16.48 1.20
C PRO A 129 -14.70 16.83 -0.19
N GLY A 130 -15.03 18.01 -0.71
CA GLY A 130 -14.49 18.50 -1.98
C GLY A 130 -12.98 18.61 -2.00
N LEU A 131 -12.42 19.10 -0.90
CA LEU A 131 -10.96 19.23 -0.76
C LEU A 131 -10.27 17.86 -0.68
N THR A 132 -10.94 16.90 -0.02
CA THR A 132 -10.45 15.53 0.03
C THR A 132 -10.34 14.97 -1.40
N ALA A 133 -11.40 15.18 -2.18
CA ALA A 133 -11.45 14.73 -3.58
C ALA A 133 -10.36 15.38 -4.44
N TYR A 134 -10.26 16.71 -4.34
CA TYR A 134 -9.26 17.51 -5.03
C TYR A 134 -7.86 16.97 -4.77
N PHE A 135 -7.46 16.90 -3.49
CA PHE A 135 -6.10 16.51 -3.17
C PHE A 135 -5.81 15.03 -3.40
N GLY A 136 -6.75 14.17 -3.01
CA GLY A 136 -6.63 12.73 -3.25
C GLY A 136 -6.42 12.40 -4.72
N LEU A 137 -7.16 13.09 -5.59
CA LEU A 137 -7.06 12.86 -7.03
C LEU A 137 -5.86 13.55 -7.67
N LEU A 138 -5.70 14.84 -7.39
CA LEU A 138 -4.72 15.64 -8.10
C LEU A 138 -3.31 15.56 -7.51
N GLU A 139 -3.22 15.24 -6.22
CA GLU A 139 -1.92 15.14 -5.56
C GLU A 139 -1.52 13.69 -5.30
N VAL A 140 -2.39 12.92 -4.66
CA VAL A 140 -2.06 11.55 -4.29
C VAL A 140 -2.02 10.63 -5.52
N CYS A 141 -3.10 10.57 -6.28
CA CYS A 141 -3.09 9.84 -7.55
C CYS A 141 -2.21 10.53 -8.59
N GLY A 142 -2.27 11.86 -8.62
CA GLY A 142 -1.45 12.66 -9.51
C GLY A 142 -1.85 12.55 -10.97
N VAL A 143 -3.16 12.50 -11.22
CA VAL A 143 -3.68 12.43 -12.60
C VAL A 143 -3.30 13.69 -13.38
N LYS A 144 -2.98 13.52 -14.66
CA LYS A 144 -2.56 14.63 -15.50
C LYS A 144 -3.21 14.59 -16.89
N GLY A 145 -4.04 13.57 -17.12
CA GLY A 145 -4.76 13.43 -18.37
C GLY A 145 -4.54 12.09 -19.06
N GLY A 146 -5.60 11.53 -19.63
CA GLY A 146 -5.52 10.27 -20.37
C GLY A 146 -5.72 9.01 -19.54
N GLU A 147 -5.57 9.13 -18.22
CA GLU A 147 -5.67 8.00 -17.30
C GLU A 147 -7.10 7.50 -17.12
N THR A 148 -7.22 6.26 -16.68
CA THR A 148 -8.50 5.70 -16.27
C THR A 148 -8.57 5.66 -14.74
N VAL A 149 -9.55 6.37 -14.20
CA VAL A 149 -9.73 6.51 -12.76
C VAL A 149 -10.97 5.75 -12.32
N LEU A 150 -10.80 4.94 -11.28
CA LEU A 150 -11.92 4.29 -10.60
C LEU A 150 -12.16 4.99 -9.27
N VAL A 151 -13.43 5.24 -8.95
CA VAL A 151 -13.80 5.80 -7.65
C VAL A 151 -14.95 5.01 -7.04
N SER A 152 -14.77 4.60 -5.79
CA SER A 152 -15.81 3.92 -5.03
C SER A 152 -16.59 4.96 -4.22
N ALA A 153 -17.73 4.55 -3.64
CA ALA A 153 -18.71 5.51 -3.11
C ALA A 153 -18.86 6.69 -4.08
N ALA A 154 -19.05 6.37 -5.35
CA ALA A 154 -18.92 7.36 -6.42
C ALA A 154 -20.01 8.46 -6.41
N ALA A 155 -21.17 8.15 -5.82
CA ALA A 155 -22.27 9.12 -5.79
C ALA A 155 -22.38 9.84 -4.44
N GLY A 156 -21.38 9.66 -3.60
CA GLY A 156 -21.32 10.34 -2.31
C GLY A 156 -20.70 11.71 -2.47
N ALA A 157 -20.49 12.39 -1.34
CA ALA A 157 -19.91 13.74 -1.35
C ALA A 157 -18.51 13.79 -1.95
N VAL A 158 -17.61 12.93 -1.49
CA VAL A 158 -16.24 12.88 -2.03
C VAL A 158 -16.22 12.31 -3.45
N GLY A 159 -16.83 11.15 -3.63
CA GLY A 159 -16.83 10.44 -4.90
C GLY A 159 -17.33 11.23 -6.09
N SER A 160 -18.40 12.00 -5.89
CA SER A 160 -19.00 12.84 -6.94
C SER A 160 -18.05 13.89 -7.44
N VAL A 161 -17.28 14.45 -6.53
CA VAL A 161 -16.33 15.48 -6.90
C VAL A 161 -15.12 14.88 -7.62
N VAL A 162 -14.62 13.75 -7.11
CA VAL A 162 -13.49 13.04 -7.72
C VAL A 162 -13.78 12.77 -9.20
N GLY A 163 -14.93 12.15 -9.46
CA GLY A 163 -15.32 11.82 -10.83
C GLY A 163 -15.36 13.01 -11.75
N GLN A 164 -16.00 14.08 -11.30
CA GLN A 164 -16.15 15.29 -12.12
C GLN A 164 -14.85 16.06 -12.34
N ILE A 165 -13.97 16.10 -11.34
CA ILE A 165 -12.65 16.71 -11.53
C ILE A 165 -11.81 15.86 -12.50
N ALA A 166 -11.83 14.54 -12.31
CA ALA A 166 -11.12 13.64 -13.21
C ALA A 166 -11.63 13.82 -14.65
N LYS A 167 -12.92 14.03 -14.80
CA LYS A 167 -13.52 14.31 -16.11
C LYS A 167 -12.96 15.58 -16.76
N LEU A 168 -12.92 16.68 -16.02
CA LEU A 168 -12.41 17.95 -16.54
C LEU A 168 -10.90 17.93 -16.79
N LYS A 169 -10.20 16.97 -16.16
CA LYS A 169 -8.76 16.77 -16.40
C LYS A 169 -8.47 15.87 -17.61
N GLY A 170 -9.53 15.38 -18.25
CA GLY A 170 -9.40 14.55 -19.45
C GLY A 170 -9.22 13.06 -19.20
N CYS A 171 -9.63 12.61 -18.02
CA CYS A 171 -9.51 11.21 -17.64
C CYS A 171 -10.76 10.43 -18.02
N LYS A 172 -10.60 9.11 -18.21
CA LYS A 172 -11.74 8.22 -18.29
C LYS A 172 -12.11 7.86 -16.85
N VAL A 173 -13.40 7.94 -16.53
CA VAL A 173 -13.86 7.81 -15.15
C VAL A 173 -14.89 6.69 -14.97
N VAL A 174 -14.59 5.80 -14.04
CA VAL A 174 -15.46 4.69 -13.68
C VAL A 174 -15.88 4.84 -12.22
N GLY A 175 -17.17 4.63 -11.95
CA GLY A 175 -17.68 4.71 -10.61
C GLY A 175 -18.38 3.44 -10.13
N ALA A 176 -18.25 3.15 -8.84
CA ALA A 176 -19.03 2.13 -8.18
C ALA A 176 -19.84 2.78 -7.07
N ALA A 177 -21.15 2.54 -7.08
CA ALA A 177 -22.06 3.06 -6.07
C ALA A 177 -23.12 2.02 -5.73
N GLY A 178 -24.00 2.33 -4.77
CA GLY A 178 -24.86 1.30 -4.18
C GLY A 178 -26.32 1.23 -4.61
N SER A 179 -26.68 1.89 -5.70
CA SER A 179 -28.05 1.78 -6.23
C SER A 179 -28.13 2.10 -7.70
N ASP A 180 -29.20 1.64 -8.34
CA ASP A 180 -29.42 1.89 -9.77
C ASP A 180 -29.65 3.37 -10.07
N GLU A 181 -30.38 4.04 -9.19
CA GLU A 181 -30.61 5.48 -9.32
C GLU A 181 -29.28 6.24 -9.29
N LYS A 182 -28.42 5.88 -8.35
CA LYS A 182 -27.08 6.47 -8.26
C LYS A 182 -26.28 6.25 -9.53
N ILE A 183 -26.35 5.04 -10.10
CA ILE A 183 -25.68 4.73 -11.36
C ILE A 183 -26.20 5.60 -12.50
N ALA A 184 -27.52 5.75 -12.58
CA ALA A 184 -28.13 6.60 -13.61
C ALA A 184 -27.62 8.04 -13.49
N TYR A 185 -27.56 8.55 -12.26
CA TYR A 185 -27.06 9.90 -11.98
C TYR A 185 -25.62 10.07 -12.42
N LEU A 186 -24.76 9.12 -12.02
CA LEU A 186 -23.33 9.17 -12.32
C LEU A 186 -23.05 9.31 -13.82
N LYS A 187 -23.76 8.53 -14.64
CA LYS A 187 -23.60 8.59 -16.09
C LYS A 187 -23.98 9.96 -16.64
N GLN A 188 -24.99 10.59 -16.02
CA GLN A 188 -25.50 11.90 -16.46
C GLN A 188 -24.68 13.10 -15.98
N ILE A 189 -23.72 12.86 -15.08
CA ILE A 189 -22.78 13.92 -14.71
C ILE A 189 -21.39 13.70 -15.31
N GLY A 190 -21.27 12.67 -16.15
CA GLY A 190 -20.07 12.48 -16.95
C GLY A 190 -19.24 11.24 -16.72
N PHE A 191 -19.59 10.40 -15.75
CA PHE A 191 -18.91 9.12 -15.56
C PHE A 191 -19.08 8.26 -16.81
N ASP A 192 -17.97 7.76 -17.33
CA ASP A 192 -17.97 7.01 -18.58
C ASP A 192 -18.56 5.63 -18.37
N ALA A 193 -18.38 5.11 -17.17
CA ALA A 193 -18.95 3.83 -16.76
C ALA A 193 -19.31 3.95 -15.30
N ALA A 194 -20.34 3.23 -14.90
CA ALA A 194 -20.74 3.13 -13.50
C ALA A 194 -21.44 1.80 -13.29
N PHE A 195 -21.13 1.12 -12.19
CA PHE A 195 -21.85 -0.10 -11.86
C PHE A 195 -22.30 -0.12 -10.41
N ASN A 196 -23.41 -0.83 -10.17
CA ASN A 196 -23.94 -1.04 -8.84
C ASN A 196 -23.20 -2.22 -8.22
N TYR A 197 -22.46 -1.96 -7.13
CA TYR A 197 -21.57 -2.97 -6.57
C TYR A 197 -22.33 -4.06 -5.81
N LYS A 198 -23.54 -3.74 -5.38
CA LYS A 198 -24.34 -4.70 -4.62
C LYS A 198 -24.92 -5.79 -5.52
N THR A 199 -25.11 -5.47 -6.80
CA THR A 199 -25.81 -6.36 -7.74
C THR A 199 -24.91 -7.00 -8.80
N VAL A 200 -23.60 -6.91 -8.62
CA VAL A 200 -22.65 -7.50 -9.57
C VAL A 200 -22.81 -9.03 -9.57
N ASN A 201 -22.60 -9.65 -10.72
CA ASN A 201 -22.50 -11.11 -10.76
C ASN A 201 -21.15 -11.49 -10.17
N SER A 202 -20.14 -10.75 -10.60
CA SER A 202 -18.78 -10.90 -10.14
C SER A 202 -18.15 -9.52 -10.15
N LEU A 203 -17.60 -9.09 -9.01
CA LEU A 203 -16.93 -7.78 -8.95
C LEU A 203 -15.80 -7.72 -9.97
N GLU A 204 -15.09 -8.84 -10.11
CA GLU A 204 -14.03 -8.99 -11.10
C GLU A 204 -14.52 -8.69 -12.51
N GLU A 205 -15.58 -9.36 -12.95
CA GLU A 205 -16.10 -9.14 -14.30
C GLU A 205 -16.73 -7.75 -14.47
N ALA A 206 -17.33 -7.22 -13.40
CA ALA A 206 -17.88 -5.86 -13.41
C ALA A 206 -16.80 -4.82 -13.68
N LEU A 207 -15.67 -4.93 -12.97
CA LEU A 207 -14.53 -4.03 -13.15
C LEU A 207 -13.85 -4.26 -14.48
N LYS A 208 -13.92 -5.50 -14.98
CA LYS A 208 -13.38 -5.86 -16.27
C LYS A 208 -14.24 -5.25 -17.38
N LYS A 209 -15.56 -5.39 -17.27
CA LYS A 209 -16.50 -4.79 -18.23
C LYS A 209 -16.35 -3.27 -18.28
N ALA A 210 -16.36 -2.64 -17.11
CA ALA A 210 -16.21 -1.19 -17.00
C ALA A 210 -14.92 -0.69 -17.66
N SER A 211 -13.83 -1.44 -17.50
CA SER A 211 -12.53 -1.06 -18.03
C SER A 211 -11.63 -2.28 -18.32
N PRO A 212 -11.79 -2.91 -19.51
CA PRO A 212 -11.01 -4.10 -19.87
C PRO A 212 -9.48 -3.89 -19.87
N ASP A 213 -9.02 -2.66 -20.04
CA ASP A 213 -7.60 -2.34 -19.98
C ASP A 213 -7.10 -2.05 -18.56
N GLY A 214 -8.01 -2.05 -17.59
CA GLY A 214 -7.64 -1.83 -16.18
C GLY A 214 -7.67 -0.37 -15.76
N TYR A 215 -7.01 -0.08 -14.64
CA TYR A 215 -7.10 1.25 -14.02
C TYR A 215 -5.74 1.84 -13.64
N ASP A 216 -5.58 3.15 -13.89
CA ASP A 216 -4.36 3.89 -13.52
C ASP A 216 -4.42 4.34 -12.06
N CYS A 217 -5.59 4.80 -11.64
CA CYS A 217 -5.81 5.37 -10.32
C CYS A 217 -7.06 4.78 -9.69
N TYR A 218 -6.92 4.30 -8.46
CA TYR A 218 -8.08 3.95 -7.67
C TYR A 218 -8.19 4.89 -6.47
N PHE A 219 -9.27 5.68 -6.46
CA PHE A 219 -9.61 6.52 -5.32
C PHE A 219 -10.51 5.68 -4.40
N ASP A 220 -9.91 5.22 -3.31
CA ASP A 220 -10.56 4.24 -2.43
C ASP A 220 -11.31 4.90 -1.29
N ASN A 221 -12.63 4.77 -1.31
CA ASN A 221 -13.49 5.33 -0.28
C ASN A 221 -14.05 4.25 0.63
N VAL A 222 -13.90 2.99 0.25
CA VAL A 222 -14.65 1.90 0.87
C VAL A 222 -13.78 0.79 1.50
N GLY A 223 -12.59 0.57 0.94
CA GLY A 223 -11.68 -0.49 1.41
C GLY A 223 -12.26 -1.89 1.33
N GLY A 224 -11.79 -2.76 2.21
CA GLY A 224 -12.30 -4.12 2.31
C GLY A 224 -12.00 -4.97 1.10
N GLU A 225 -12.93 -5.86 0.76
CA GLU A 225 -12.76 -6.78 -0.36
C GLU A 225 -12.86 -6.11 -1.74
N PHE A 226 -13.56 -4.99 -1.80
CA PHE A 226 -13.62 -4.20 -3.03
C PHE A 226 -12.20 -3.81 -3.43
N LEU A 227 -11.47 -3.19 -2.50
CA LEU A 227 -10.07 -2.82 -2.72
C LEU A 227 -9.21 -4.01 -3.20
N ASN A 228 -9.31 -5.13 -2.48
CA ASN A 228 -8.60 -6.36 -2.83
C ASN A 228 -8.82 -6.77 -4.28
N THR A 229 -10.07 -6.75 -4.73
CA THR A 229 -10.41 -7.11 -6.10
C THR A 229 -9.83 -6.10 -7.10
N VAL A 230 -9.91 -4.81 -6.74
CA VAL A 230 -9.39 -3.73 -7.58
C VAL A 230 -7.90 -3.91 -7.90
N LEU A 231 -7.12 -4.33 -6.91
CA LEU A 231 -5.67 -4.49 -7.06
C LEU A 231 -5.30 -5.41 -8.23
N SER A 232 -6.09 -6.48 -8.41
CA SER A 232 -5.87 -7.45 -9.51
C SER A 232 -6.02 -6.82 -10.89
N GLN A 233 -6.67 -5.65 -10.93
CA GLN A 233 -6.99 -5.00 -12.20
C GLN A 233 -6.32 -3.64 -12.38
N MET A 234 -5.36 -3.32 -11.50
CA MET A 234 -4.59 -2.09 -11.65
C MET A 234 -3.56 -2.26 -12.76
N LYS A 235 -3.30 -1.18 -13.50
CA LYS A 235 -2.20 -1.17 -14.46
C LYS A 235 -0.90 -1.19 -13.68
N ASP A 236 0.17 -1.65 -14.32
CA ASP A 236 1.51 -1.59 -13.73
C ASP A 236 1.87 -0.18 -13.31
N PHE A 237 2.46 -0.05 -12.13
CA PHE A 237 2.84 1.24 -11.53
C PHE A 237 1.61 2.10 -11.19
N GLY A 238 0.47 1.42 -11.03
CA GLY A 238 -0.78 2.07 -10.67
C GLY A 238 -0.76 2.62 -9.25
N LYS A 239 -1.57 3.66 -9.03
CA LYS A 239 -1.65 4.31 -7.73
C LYS A 239 -3.02 4.12 -7.09
N ILE A 240 -3.03 3.83 -5.79
CA ILE A 240 -4.26 3.72 -5.03
C ILE A 240 -4.23 4.77 -3.91
N ALA A 241 -5.21 5.68 -3.94
CA ALA A 241 -5.35 6.70 -2.90
C ALA A 241 -6.33 6.19 -1.85
N ILE A 242 -5.81 5.89 -0.66
CA ILE A 242 -6.64 5.40 0.43
C ILE A 242 -7.24 6.56 1.22
N CYS A 243 -8.49 6.86 0.90
CA CYS A 243 -9.22 7.98 1.48
C CYS A 243 -10.03 7.53 2.69
N GLY A 244 -10.79 6.45 2.51
CA GLY A 244 -11.63 5.90 3.57
C GLY A 244 -11.73 4.39 3.45
N ALA A 245 -12.51 3.80 4.35
CA ALA A 245 -12.74 2.36 4.35
C ALA A 245 -14.12 2.07 4.90
N ILE A 246 -15.14 2.72 4.33
CA ILE A 246 -16.49 2.67 4.89
C ILE A 246 -17.10 1.27 4.95
N SER A 247 -16.61 0.35 4.10
CA SER A 247 -17.09 -1.02 4.12
C SER A 247 -16.74 -1.70 5.44
N VAL A 248 -15.73 -1.16 6.13
CA VAL A 248 -15.26 -1.70 7.41
C VAL A 248 -15.41 -0.74 8.62
N TYR A 249 -16.30 0.24 8.53
CA TYR A 249 -16.54 1.17 9.66
C TYR A 249 -17.56 0.64 10.68
N ASN A 250 -18.63 0.03 10.18
CA ASN A 250 -19.67 -0.56 11.04
C ASN A 250 -19.26 -1.88 11.67
N ARG A 251 -18.11 -2.40 11.23
CA ARG A 251 -17.62 -3.71 11.63
C ARG A 251 -16.10 -3.70 11.76
N MET A 252 -15.60 -2.73 12.54
CA MET A 252 -14.17 -2.56 12.78
C MET A 252 -13.59 -3.74 13.57
N ASP A 253 -14.50 -4.52 14.18
CA ASP A 253 -14.15 -5.73 14.93
C ASP A 253 -13.80 -6.91 14.02
N GLN A 254 -14.47 -6.98 12.86
CA GLN A 254 -14.23 -8.03 11.88
C GLN A 254 -13.17 -7.62 10.85
N LEU A 255 -11.98 -8.22 11.00
CA LEU A 255 -10.83 -7.91 10.18
C LEU A 255 -11.04 -8.31 8.72
N PRO A 256 -10.63 -7.44 7.77
CA PRO A 256 -10.80 -7.77 6.35
C PRO A 256 -9.63 -8.63 5.84
N PRO A 257 -9.92 -9.66 5.04
CA PRO A 257 -8.89 -10.57 4.52
C PRO A 257 -7.81 -9.83 3.74
N GLY A 258 -6.61 -10.40 3.72
CA GLY A 258 -5.45 -9.75 3.14
C GLY A 258 -5.49 -9.58 1.63
N PRO A 259 -4.93 -8.48 1.13
CA PRO A 259 -4.70 -8.25 -0.30
C PRO A 259 -3.63 -9.19 -0.85
N SER A 260 -3.55 -9.28 -2.18
CA SER A 260 -2.58 -10.14 -2.81
C SER A 260 -1.23 -9.43 -2.87
N PRO A 261 -0.19 -10.08 -2.32
CA PRO A 261 1.18 -9.59 -2.48
C PRO A 261 1.59 -9.69 -3.94
N GLU A 262 1.06 -10.66 -4.67
CA GLU A 262 1.33 -10.83 -6.09
C GLU A 262 0.97 -9.58 -6.88
N SER A 263 -0.23 -9.06 -6.66
CA SER A 263 -0.69 -7.85 -7.36
C SER A 263 0.19 -6.66 -7.01
N ILE A 264 0.39 -6.42 -5.72
CA ILE A 264 1.18 -5.29 -5.25
C ILE A 264 2.63 -5.36 -5.75
N ILE A 265 3.25 -6.53 -5.68
CA ILE A 265 4.65 -6.69 -6.09
C ILE A 265 4.80 -6.79 -7.61
N TYR A 266 4.10 -7.74 -8.25
CA TYR A 266 4.20 -7.95 -9.70
C TYR A 266 3.85 -6.70 -10.50
N LYS A 267 2.80 -5.99 -10.08
CA LYS A 267 2.34 -4.80 -10.79
C LYS A 267 3.03 -3.55 -10.23
N GLN A 268 3.78 -3.73 -9.16
CA GLN A 268 4.57 -2.66 -8.54
C GLN A 268 3.70 -1.44 -8.21
N LEU A 269 2.63 -1.71 -7.45
CA LEU A 269 1.62 -0.70 -7.16
C LEU A 269 2.06 0.20 -6.02
N ARG A 270 1.60 1.45 -6.05
CA ARG A 270 1.79 2.40 -4.96
C ARG A 270 0.47 2.64 -4.27
N ILE A 271 0.46 2.44 -2.95
CA ILE A 271 -0.72 2.63 -2.12
C ILE A 271 -0.40 3.72 -1.08
N GLU A 272 -1.25 4.74 -1.02
CA GLU A 272 -1.01 5.87 -0.11
C GLU A 272 -2.27 6.34 0.61
N GLY A 273 -2.24 6.27 1.94
CA GLY A 273 -3.28 6.85 2.77
C GLY A 273 -3.07 8.35 2.83
N PHE A 274 -4.16 9.10 3.03
CA PHE A 274 -4.05 10.56 3.17
C PHE A 274 -5.19 11.13 4.01
N ILE A 275 -4.91 12.27 4.62
CA ILE A 275 -5.89 13.03 5.40
C ILE A 275 -5.95 14.42 4.75
N VAL A 276 -7.16 14.90 4.50
CA VAL A 276 -7.38 16.19 3.79
C VAL A 276 -6.63 17.37 4.44
N TYR A 277 -6.53 17.33 5.77
CA TYR A 277 -5.95 18.42 6.54
C TYR A 277 -4.44 18.60 6.34
N ARG A 278 -3.81 17.66 5.65
CA ARG A 278 -2.39 17.75 5.27
C ARG A 278 -2.09 19.01 4.44
N TRP A 279 -3.06 19.44 3.64
CA TRP A 279 -2.87 20.59 2.77
C TRP A 279 -3.41 21.88 3.41
N GLN A 280 -2.52 22.83 3.65
CA GLN A 280 -2.84 24.06 4.39
C GLN A 280 -2.36 25.32 3.68
N GLY A 281 -2.78 26.48 4.19
CA GLY A 281 -2.31 27.77 3.72
C GLY A 281 -2.76 28.10 2.32
N ASP A 282 -1.80 28.52 1.48
CA ASP A 282 -2.07 28.95 0.11
C ASP A 282 -2.68 27.85 -0.76
N VAL A 283 -2.13 26.64 -0.68
CA VAL A 283 -2.57 25.52 -1.52
C VAL A 283 -4.02 25.09 -1.24
N ARG A 284 -4.45 25.27 0.00
CA ARG A 284 -5.81 24.92 0.41
C ARG A 284 -6.82 25.96 -0.08
N GLU A 285 -6.47 27.25 0.08
CA GLU A 285 -7.29 28.36 -0.37
C GLU A 285 -7.48 28.31 -1.90
N LYS A 286 -6.40 28.01 -2.61
CA LYS A 286 -6.40 27.86 -4.06
C LYS A 286 -7.34 26.72 -4.50
N ALA A 287 -7.27 25.61 -3.77
CA ALA A 287 -8.14 24.47 -4.02
C ALA A 287 -9.61 24.82 -3.83
N LEU A 288 -9.90 25.60 -2.78
CA LEU A 288 -11.28 26.04 -2.51
C LEU A 288 -11.77 26.99 -3.61
N ARG A 289 -10.89 27.86 -4.10
CA ARG A 289 -11.21 28.76 -5.20
C ARG A 289 -11.48 27.98 -6.49
N ASP A 290 -10.64 26.98 -6.73
CA ASP A 290 -10.81 26.08 -7.88
C ASP A 290 -12.15 25.37 -7.85
N LEU A 291 -12.48 24.78 -6.70
CA LEU A 291 -13.75 24.08 -6.50
C LEU A 291 -14.94 25.01 -6.70
N MET A 292 -14.84 26.22 -6.15
CA MET A 292 -15.86 27.25 -6.30
C MET A 292 -16.08 27.58 -7.79
N LYS A 293 -14.99 27.88 -8.49
CA LYS A 293 -15.00 28.23 -9.91
C LYS A 293 -15.60 27.11 -10.77
N TRP A 294 -15.17 25.87 -10.52
CA TRP A 294 -15.67 24.71 -11.28
C TRP A 294 -17.18 24.47 -11.05
N VAL A 295 -17.65 24.79 -9.85
CA VAL A 295 -19.08 24.74 -9.54
C VAL A 295 -19.83 25.85 -10.30
N LEU A 296 -19.28 27.06 -10.23
CA LEU A 296 -19.85 28.21 -10.95
C LEU A 296 -19.84 28.01 -12.47
N GLU A 297 -18.90 27.21 -12.96
CA GLU A 297 -18.78 26.95 -14.39
C GLU A 297 -19.61 25.74 -14.82
N GLY A 298 -20.31 25.14 -13.85
CA GLY A 298 -21.12 23.94 -14.11
C GLY A 298 -20.31 22.68 -14.40
N LYS A 299 -19.00 22.74 -14.17
CA LYS A 299 -18.11 21.59 -14.40
C LYS A 299 -18.15 20.59 -13.25
N ILE A 300 -18.49 21.09 -12.06
CA ILE A 300 -18.81 20.20 -10.96
C ILE A 300 -20.26 20.45 -10.62
N GLN A 301 -21.12 19.56 -11.09
CA GLN A 301 -22.51 19.59 -10.71
C GLN A 301 -22.53 19.16 -9.26
N TYR A 302 -23.53 19.65 -8.53
CA TYR A 302 -23.70 19.24 -7.15
C TYR A 302 -25.14 18.81 -6.87
N HIS A 303 -25.28 17.91 -5.92
CA HIS A 303 -26.56 17.56 -5.37
C HIS A 303 -26.39 17.37 -3.88
N GLU A 304 -27.35 17.87 -3.12
CA GLU A 304 -27.32 17.73 -1.67
C GLU A 304 -28.48 16.88 -1.24
N HIS A 305 -28.20 15.95 -0.35
CA HIS A 305 -29.21 15.08 0.22
C HIS A 305 -29.67 15.70 1.54
N VAL A 306 -30.73 16.49 1.44
CA VAL A 306 -31.16 17.35 2.54
C VAL A 306 -32.20 16.69 3.43
N THR A 307 -31.86 16.57 4.70
CA THR A 307 -32.81 16.17 5.74
C THR A 307 -33.25 17.44 6.46
N LYS A 308 -34.53 17.74 6.37
CA LYS A 308 -35.08 18.96 6.98
C LYS A 308 -35.43 18.73 8.44
N GLY A 309 -34.85 19.54 9.32
CA GLY A 309 -35.16 19.51 10.75
C GLY A 309 -34.06 18.93 11.60
N PHE A 310 -33.63 19.70 12.61
CA PHE A 310 -32.60 19.28 13.57
C PHE A 310 -32.98 17.99 14.30
N GLU A 311 -34.27 17.83 14.57
CA GLU A 311 -34.79 16.65 15.28
C GLU A 311 -34.52 15.36 14.51
N ASN A 312 -34.25 15.51 13.21
CA ASN A 312 -34.04 14.38 12.32
C ASN A 312 -32.57 14.10 12.02
N MET A 313 -31.67 14.76 12.77
CA MET A 313 -30.23 14.64 12.52
C MET A 313 -29.66 13.23 12.72
N PRO A 314 -30.06 12.53 13.81
CA PRO A 314 -29.65 11.13 13.97
C PRO A 314 -30.01 10.26 12.76
N ALA A 315 -31.24 10.40 12.27
CA ALA A 315 -31.70 9.64 11.10
C ALA A 315 -30.86 9.95 9.87
N ALA A 316 -30.59 11.24 9.63
CA ALA A 316 -29.78 11.66 8.49
C ALA A 316 -28.43 10.96 8.49
N PHE A 317 -27.82 10.86 9.66
CA PHE A 317 -26.52 10.21 9.86
C PHE A 317 -26.60 8.70 9.65
N ILE A 318 -27.62 8.06 10.20
CA ILE A 318 -27.82 6.61 10.03
C ILE A 318 -28.06 6.28 8.55
N GLU A 319 -28.96 7.01 7.92
CA GLU A 319 -29.33 6.78 6.53
C GLU A 319 -28.15 7.02 5.56
N MET A 320 -27.34 8.05 5.83
CA MET A 320 -26.10 8.31 5.08
C MET A 320 -25.12 7.14 5.14
N LEU A 321 -24.93 6.58 6.34
CA LEU A 321 -24.03 5.43 6.51
C LEU A 321 -24.52 4.23 5.71
N ASN A 322 -25.84 4.12 5.55
CA ASN A 322 -26.46 3.01 4.86
C ASN A 322 -26.63 3.25 3.36
N GLY A 323 -26.26 4.45 2.91
CA GLY A 323 -26.25 4.76 1.48
C GLY A 323 -27.50 5.40 0.92
N ALA A 324 -28.29 6.04 1.78
CA ALA A 324 -29.49 6.75 1.34
C ALA A 324 -29.18 8.02 0.54
N ASN A 325 -28.00 8.59 0.76
CA ASN A 325 -27.65 9.88 0.19
C ASN A 325 -27.03 9.82 -1.19
N LEU A 326 -27.56 10.65 -2.09
CA LEU A 326 -26.90 10.94 -3.35
C LEU A 326 -26.32 12.33 -3.17
N GLY A 327 -25.00 12.45 -3.22
CA GLY A 327 -24.31 13.69 -2.87
C GLY A 327 -24.25 13.92 -1.37
N LYS A 328 -23.82 15.11 -0.97
CA LYS A 328 -23.59 15.44 0.44
C LYS A 328 -24.84 15.40 1.33
N ALA A 329 -24.76 14.65 2.42
CA ALA A 329 -25.81 14.62 3.42
C ALA A 329 -25.72 15.87 4.32
N VAL A 330 -26.77 16.67 4.28
CA VAL A 330 -26.83 17.90 5.08
C VAL A 330 -28.17 17.98 5.79
N VAL A 331 -28.14 18.44 7.05
CA VAL A 331 -29.37 18.69 7.82
C VAL A 331 -29.58 20.20 7.93
N THR A 332 -30.80 20.65 7.61
CA THR A 332 -31.19 22.05 7.84
C THR A 332 -31.82 22.13 9.21
N ALA A 333 -31.46 23.18 9.97
CA ALA A 333 -32.00 23.38 11.32
C ALA A 333 -33.53 23.32 11.36
N SER B 1 39.06 -37.46 -32.93
CA SER B 1 39.02 -37.32 -31.45
C SER B 1 37.70 -37.86 -30.89
N PRO B 2 37.77 -38.96 -30.11
CA PRO B 2 36.57 -39.63 -29.62
C PRO B 2 35.76 -38.76 -28.66
N GLU B 3 34.44 -38.83 -28.78
CA GLU B 3 33.55 -38.04 -27.94
C GLU B 3 32.80 -38.90 -26.93
N PHE B 4 32.64 -38.36 -25.73
CA PHE B 4 31.96 -39.04 -24.63
C PHE B 4 30.63 -38.36 -24.35
N MET B 5 29.59 -39.16 -24.17
CA MET B 5 28.24 -38.66 -23.90
C MET B 5 28.20 -37.93 -22.56
N VAL B 6 27.51 -36.79 -22.54
CA VAL B 6 27.31 -36.02 -21.31
C VAL B 6 25.95 -36.35 -20.72
N LYS B 7 25.94 -36.68 -19.43
CA LYS B 7 24.69 -36.98 -18.72
C LYS B 7 24.27 -35.78 -17.89
N ALA B 8 23.13 -35.20 -18.22
CA ALA B 8 22.61 -34.05 -17.48
C ALA B 8 21.52 -34.47 -16.48
N LYS B 9 21.75 -34.15 -15.22
CA LYS B 9 20.73 -34.35 -14.19
C LYS B 9 19.90 -33.09 -14.02
N SER B 10 18.59 -33.26 -13.90
CA SER B 10 17.69 -32.14 -13.67
C SER B 10 16.66 -32.47 -12.59
N TRP B 11 16.34 -31.47 -11.77
CA TRP B 11 15.24 -31.62 -10.82
C TRP B 11 13.95 -31.08 -11.46
N THR B 12 12.96 -31.96 -11.57
CA THR B 12 11.66 -31.59 -12.10
C THR B 12 10.62 -31.45 -10.99
N LEU B 13 9.61 -30.62 -11.25
CA LEU B 13 8.47 -30.52 -10.36
C LEU B 13 7.50 -31.68 -10.65
N LYS B 14 7.51 -32.68 -9.79
CA LYS B 14 6.62 -33.83 -9.92
C LYS B 14 5.18 -33.42 -9.65
N LYS B 15 4.99 -32.62 -8.62
CA LYS B 15 3.65 -32.20 -8.21
C LYS B 15 3.69 -30.78 -7.69
N HIS B 16 2.74 -29.96 -8.12
CA HIS B 16 2.61 -28.59 -7.64
C HIS B 16 2.54 -28.58 -6.12
N PHE B 17 3.19 -27.57 -5.52
CA PHE B 17 3.26 -27.46 -4.07
C PHE B 17 1.90 -27.20 -3.44
N GLN B 18 1.64 -27.90 -2.34
CA GLN B 18 0.43 -27.70 -1.57
C GLN B 18 0.85 -27.42 -0.13
N GLY B 19 0.69 -26.17 0.28
CA GLY B 19 1.26 -25.68 1.53
C GLY B 19 2.78 -25.63 1.42
N LYS B 20 3.44 -26.18 2.43
CA LYS B 20 4.90 -26.27 2.44
C LYS B 20 5.36 -27.31 1.42
N PRO B 21 6.37 -26.95 0.59
CA PRO B 21 6.98 -27.92 -0.32
C PRO B 21 7.64 -29.07 0.45
N THR B 22 7.60 -30.27 -0.11
CA THR B 22 8.29 -31.43 0.46
C THR B 22 9.12 -32.12 -0.63
N GLN B 23 10.04 -32.99 -0.23
CA GLN B 23 10.88 -33.75 -1.15
C GLN B 23 10.09 -34.50 -2.23
N SER B 24 8.94 -35.05 -1.85
CA SER B 24 8.12 -35.86 -2.75
C SER B 24 7.56 -35.07 -3.95
N ASP B 25 7.54 -33.73 -3.83
CA ASP B 25 7.05 -32.85 -4.88
C ASP B 25 8.03 -32.76 -6.06
N PHE B 26 9.24 -33.26 -5.83
CA PHE B 26 10.34 -33.17 -6.80
C PHE B 26 10.72 -34.55 -7.31
N GLU B 27 11.16 -34.61 -8.56
CA GLU B 27 11.65 -35.85 -9.15
C GLU B 27 12.89 -35.56 -9.99
N LEU B 28 13.95 -36.32 -9.71
CA LEU B 28 15.22 -36.20 -10.41
C LEU B 28 15.17 -37.01 -11.70
N LYS B 29 15.67 -36.43 -12.78
CA LYS B 29 15.74 -37.12 -14.07
C LYS B 29 17.13 -36.99 -14.67
N THR B 30 17.55 -38.00 -15.41
CA THR B 30 18.85 -38.01 -16.08
C THR B 30 18.66 -38.17 -17.59
N VAL B 31 19.25 -37.25 -18.34
CA VAL B 31 19.12 -37.19 -19.80
C VAL B 31 20.51 -37.27 -20.41
N GLU B 32 20.65 -38.08 -21.46
CA GLU B 32 21.86 -38.09 -22.27
C GLU B 32 21.76 -36.95 -23.28
N LEU B 33 22.62 -35.96 -23.15
CA LEU B 33 22.57 -34.78 -24.04
C LEU B 33 23.01 -35.10 -25.48
N PRO B 34 22.42 -34.40 -26.47
CA PRO B 34 22.90 -34.53 -27.84
C PRO B 34 24.27 -33.89 -28.01
N PRO B 35 24.98 -34.19 -29.13
CA PRO B 35 26.24 -33.50 -29.40
C PRO B 35 25.98 -32.01 -29.68
N LEU B 36 26.99 -31.18 -29.45
CA LEU B 36 26.86 -29.75 -29.74
C LEU B 36 26.76 -29.51 -31.22
N LYS B 37 25.80 -28.68 -31.60
CA LYS B 37 25.72 -28.20 -32.96
C LYS B 37 26.56 -26.92 -33.07
N ASN B 38 26.80 -26.49 -34.30
CA ASN B 38 27.46 -25.23 -34.53
C ASN B 38 26.64 -24.09 -33.93
N GLY B 39 27.32 -23.13 -33.31
CA GLY B 39 26.65 -21.99 -32.65
C GLY B 39 26.26 -22.26 -31.21
N GLU B 40 26.42 -23.50 -30.75
CA GLU B 40 25.99 -23.92 -29.41
C GLU B 40 27.16 -24.09 -28.43
N VAL B 41 26.86 -23.97 -27.13
CA VAL B 41 27.83 -24.19 -26.06
C VAL B 41 27.29 -25.19 -25.03
N LEU B 42 28.19 -25.96 -24.43
CA LEU B 42 27.83 -26.86 -23.34
C LEU B 42 28.23 -26.23 -22.02
N LEU B 43 27.25 -26.09 -21.13
CA LEU B 43 27.48 -25.49 -19.82
C LEU B 43 27.39 -26.52 -18.71
N GLU B 44 28.26 -26.37 -17.72
CA GLU B 44 28.25 -27.21 -16.53
C GLU B 44 28.02 -26.31 -15.33
N ALA B 45 26.95 -26.58 -14.58
CA ALA B 45 26.65 -25.84 -13.36
C ALA B 45 27.82 -25.88 -12.39
N LEU B 46 28.15 -24.71 -11.83
CA LEU B 46 29.10 -24.62 -10.73
C LEU B 46 28.36 -24.37 -9.42
N PHE B 47 27.48 -23.36 -9.44
CA PHE B 47 26.72 -22.93 -8.28
C PHE B 47 25.30 -22.67 -8.74
N LEU B 48 24.33 -23.23 -8.02
CA LEU B 48 22.92 -23.02 -8.36
C LEU B 48 22.21 -22.34 -7.20
N SER B 49 21.37 -21.38 -7.56
CA SER B 49 20.59 -20.65 -6.57
C SER B 49 19.25 -21.36 -6.25
N VAL B 50 18.85 -21.25 -4.98
CA VAL B 50 17.47 -21.47 -4.58
C VAL B 50 16.94 -20.17 -3.98
N ASP B 51 15.69 -19.83 -4.29
CA ASP B 51 15.14 -18.52 -3.97
C ASP B 51 13.66 -18.64 -3.62
N PRO B 52 13.17 -17.77 -2.71
CA PRO B 52 11.74 -17.72 -2.39
C PRO B 52 10.79 -17.65 -3.59
N TYR B 53 11.14 -16.87 -4.62
CA TYR B 53 10.25 -16.68 -5.79
C TYR B 53 9.84 -18.00 -6.42
N MET B 54 10.72 -18.99 -6.30
CA MET B 54 10.47 -20.32 -6.86
C MET B 54 9.20 -20.94 -6.29
N ARG B 55 8.86 -20.59 -5.05
CA ARG B 55 7.63 -21.07 -4.40
C ARG B 55 6.39 -20.57 -5.15
N ILE B 56 6.46 -19.35 -5.69
CA ILE B 56 5.34 -18.77 -6.43
C ILE B 56 5.39 -19.10 -7.93
N ALA B 57 6.58 -18.94 -8.53
CA ALA B 57 6.77 -19.17 -9.96
C ALA B 57 6.42 -20.60 -10.38
N SER B 58 6.62 -21.55 -9.47
CA SER B 58 6.34 -22.96 -9.71
C SER B 58 4.91 -23.22 -10.18
N LYS B 59 3.97 -22.39 -9.73
CA LYS B 59 2.55 -22.56 -10.04
C LYS B 59 2.26 -22.50 -11.54
N ARG B 60 3.13 -21.83 -12.29
CA ARG B 60 2.98 -21.69 -13.75
C ARG B 60 3.57 -22.86 -14.53
N LEU B 61 4.38 -23.67 -13.87
CA LEU B 61 5.00 -24.82 -14.52
C LEU B 61 3.98 -25.90 -14.84
N LYS B 62 4.26 -26.65 -15.90
CA LYS B 62 3.60 -27.91 -16.15
C LYS B 62 4.32 -28.92 -15.27
N GLU B 63 3.57 -29.78 -14.57
CA GLU B 63 4.20 -30.83 -13.79
C GLU B 63 5.09 -31.67 -14.71
N GLY B 64 6.26 -32.08 -14.21
CA GLY B 64 7.27 -32.73 -15.05
C GLY B 64 8.31 -31.81 -15.66
N ALA B 65 8.06 -30.49 -15.60
CA ALA B 65 9.03 -29.48 -16.07
C ALA B 65 10.19 -29.32 -15.08
N VAL B 66 11.35 -28.93 -15.61
CA VAL B 66 12.52 -28.62 -14.78
C VAL B 66 12.22 -27.38 -13.94
N MET B 67 12.62 -27.40 -12.67
CA MET B 67 12.44 -26.25 -11.79
C MET B 67 13.22 -25.04 -12.33
N MET B 68 12.65 -23.84 -12.20
CA MET B 68 13.31 -22.63 -12.72
C MET B 68 14.38 -22.12 -11.77
N GLY B 69 15.35 -21.39 -12.32
CA GLY B 69 16.34 -20.71 -11.49
C GLY B 69 17.62 -20.35 -12.21
N GLN B 70 18.39 -19.47 -11.56
CA GLN B 70 19.63 -18.99 -12.10
C GLN B 70 20.80 -19.77 -11.52
N GLN B 71 21.84 -19.92 -12.34
CA GLN B 71 23.07 -20.58 -11.94
C GLN B 71 24.30 -19.90 -12.53
N VAL B 72 25.43 -20.09 -11.85
CA VAL B 72 26.75 -19.77 -12.40
C VAL B 72 27.25 -21.06 -13.01
N ALA B 73 27.64 -20.99 -14.29
CA ALA B 73 28.08 -22.17 -15.02
C ALA B 73 29.38 -21.92 -15.79
N ARG B 74 30.12 -22.98 -16.08
CA ARG B 74 31.33 -22.89 -16.90
C ARG B 74 31.05 -23.45 -18.29
N VAL B 75 31.54 -22.75 -19.31
CA VAL B 75 31.52 -23.29 -20.67
C VAL B 75 32.55 -24.41 -20.76
N VAL B 76 32.06 -25.65 -20.85
CA VAL B 76 32.92 -26.82 -20.96
C VAL B 76 33.43 -26.97 -22.39
N GLU B 77 32.52 -26.80 -23.33
CA GLU B 77 32.86 -26.82 -24.74
C GLU B 77 31.98 -25.84 -25.49
N SER B 78 32.49 -25.32 -26.60
CA SER B 78 31.86 -24.22 -27.30
C SER B 78 32.07 -24.32 -28.81
N LYS B 79 30.98 -24.16 -29.55
CA LYS B 79 31.05 -23.97 -30.99
C LYS B 79 30.45 -22.59 -31.30
N ASN B 80 30.48 -21.73 -30.29
CA ASN B 80 29.95 -20.38 -30.36
C ASN B 80 31.07 -19.38 -30.07
N SER B 81 31.45 -18.64 -31.10
CA SER B 81 32.57 -17.69 -31.02
C SER B 81 32.41 -16.62 -29.93
N ALA B 82 31.17 -16.30 -29.57
CA ALA B 82 30.87 -15.31 -28.53
C ALA B 82 31.15 -15.82 -27.11
N PHE B 83 31.21 -17.14 -26.94
CA PHE B 83 31.41 -17.74 -25.62
C PHE B 83 32.56 -18.74 -25.62
N PRO B 84 33.79 -18.26 -25.30
CA PRO B 84 34.98 -19.10 -25.23
C PRO B 84 34.86 -20.23 -24.21
N ALA B 85 35.41 -21.40 -24.54
CA ALA B 85 35.50 -22.50 -23.59
C ALA B 85 36.27 -22.02 -22.36
N GLY B 86 35.78 -22.37 -21.18
CA GLY B 86 36.42 -21.96 -19.93
C GLY B 86 35.87 -20.68 -19.31
N SER B 87 35.09 -19.93 -20.07
CA SER B 87 34.48 -18.71 -19.54
C SER B 87 33.29 -19.02 -18.62
N ILE B 88 32.94 -18.04 -17.78
CA ILE B 88 31.91 -18.22 -16.76
C ILE B 88 30.68 -17.38 -17.11
N VAL B 89 29.51 -17.99 -17.10
CA VAL B 89 28.27 -17.27 -17.39
C VAL B 89 27.23 -17.44 -16.29
N LEU B 90 26.25 -16.54 -16.26
CA LEU B 90 25.03 -16.74 -15.51
C LEU B 90 23.95 -17.14 -16.49
N ALA B 91 23.14 -18.13 -16.12
CA ALA B 91 22.08 -18.60 -16.99
C ALA B 91 20.85 -18.94 -16.17
N GLN B 92 19.68 -18.61 -16.71
CA GLN B 92 18.40 -18.98 -16.11
C GLN B 92 17.95 -20.35 -16.61
N SER B 93 18.88 -21.30 -16.58
CA SER B 93 18.67 -22.65 -17.13
C SER B 93 17.98 -23.61 -16.17
N GLY B 94 17.76 -23.16 -14.94
CA GLY B 94 17.03 -23.96 -13.95
C GLY B 94 17.90 -24.95 -13.18
N TRP B 95 17.24 -25.86 -12.49
CA TRP B 95 17.90 -26.82 -11.62
C TRP B 95 18.45 -27.96 -12.46
N THR B 96 19.60 -27.73 -13.08
CA THR B 96 20.22 -28.74 -13.94
C THR B 96 21.74 -28.71 -13.83
N THR B 97 22.38 -29.88 -13.99
CA THR B 97 23.84 -29.96 -13.86
C THR B 97 24.57 -29.55 -15.12
N HIS B 98 23.97 -29.86 -16.27
CA HIS B 98 24.53 -29.55 -17.59
C HIS B 98 23.42 -29.10 -18.51
N PHE B 99 23.72 -28.18 -19.42
CA PHE B 99 22.75 -27.78 -20.45
C PHE B 99 23.42 -27.21 -21.69
N ILE B 100 22.72 -27.33 -22.81
CA ILE B 100 23.19 -26.83 -24.09
C ILE B 100 22.48 -25.53 -24.39
N SER B 101 23.24 -24.54 -24.82
CA SER B 101 22.70 -23.23 -25.15
C SER B 101 23.17 -22.77 -26.52
N ASP B 102 22.30 -22.06 -27.23
CA ASP B 102 22.69 -21.34 -28.45
C ASP B 102 23.15 -19.92 -28.13
N GLY B 103 23.32 -19.64 -26.84
CA GLY B 103 23.83 -18.34 -26.37
C GLY B 103 22.76 -17.37 -25.91
N LYS B 104 21.52 -17.61 -26.34
CA LYS B 104 20.42 -16.64 -26.16
C LYS B 104 20.24 -16.13 -24.72
N GLY B 105 20.11 -17.03 -23.76
CA GLY B 105 19.87 -16.61 -22.38
C GLY B 105 21.09 -16.61 -21.48
N LEU B 106 22.26 -16.23 -22.01
CA LEU B 106 23.50 -16.26 -21.23
C LEU B 106 24.00 -14.87 -20.87
N GLU B 107 24.20 -14.64 -19.58
CA GLU B 107 24.77 -13.38 -19.12
C GLU B 107 26.23 -13.62 -18.76
N LYS B 108 27.12 -12.92 -19.47
CA LYS B 108 28.55 -13.00 -19.19
C LYS B 108 28.79 -12.46 -17.79
N LEU B 109 29.60 -13.17 -17.02
CA LEU B 109 29.94 -12.78 -15.67
C LEU B 109 30.53 -11.37 -15.67
N LEU B 110 30.23 -10.63 -14.62
CA LEU B 110 30.77 -9.29 -14.41
C LEU B 110 32.29 -9.29 -14.62
N THR B 111 32.75 -8.49 -15.58
CA THR B 111 34.18 -8.37 -15.87
C THR B 111 34.93 -7.78 -14.67
N GLU B 112 36.23 -8.06 -14.60
CA GLU B 112 37.10 -7.63 -13.50
C GLU B 112 36.73 -8.29 -12.16
N TRP B 113 36.17 -9.50 -12.25
CA TRP B 113 35.79 -10.26 -11.06
C TRP B 113 37.03 -10.81 -10.36
N PRO B 114 37.24 -10.41 -9.09
CA PRO B 114 38.44 -10.81 -8.36
C PRO B 114 38.35 -12.25 -7.87
N ASP B 115 39.47 -12.98 -7.97
CA ASP B 115 39.56 -14.37 -7.52
C ASP B 115 39.13 -14.54 -6.06
N LYS B 116 39.48 -13.56 -5.22
CA LYS B 116 39.20 -13.64 -3.79
C LYS B 116 37.71 -13.69 -3.43
N LEU B 117 36.85 -13.30 -4.37
CA LEU B 117 35.40 -13.38 -4.16
C LEU B 117 34.82 -14.63 -4.82
N PRO B 118 34.18 -15.49 -4.02
CA PRO B 118 33.55 -16.70 -4.53
C PRO B 118 32.55 -16.37 -5.65
N LEU B 119 32.61 -17.12 -6.75
CA LEU B 119 31.74 -16.86 -7.91
C LEU B 119 30.26 -16.88 -7.54
N SER B 120 29.91 -17.71 -6.56
CA SER B 120 28.54 -17.82 -6.05
C SER B 120 27.97 -16.49 -5.55
N LEU B 121 28.83 -15.51 -5.24
CA LEU B 121 28.36 -14.15 -4.90
C LEU B 121 27.56 -13.51 -6.04
N ALA B 122 27.86 -13.90 -7.27
CA ALA B 122 27.10 -13.42 -8.44
C ALA B 122 25.60 -13.78 -8.40
N LEU B 123 25.24 -14.72 -7.53
CA LEU B 123 23.84 -15.14 -7.31
C LEU B 123 23.23 -14.56 -6.03
N GLY B 124 24.01 -13.79 -5.28
CA GLY B 124 23.55 -13.20 -4.03
C GLY B 124 23.91 -11.73 -3.92
N THR B 125 24.87 -11.43 -3.05
CA THR B 125 25.25 -10.05 -2.73
C THR B 125 25.66 -9.21 -3.95
N ILE B 126 26.43 -9.80 -4.86
CA ILE B 126 26.79 -9.10 -6.11
C ILE B 126 25.96 -9.70 -7.24
N GLY B 127 24.66 -9.80 -6.98
CA GLY B 127 23.74 -10.46 -7.89
C GLY B 127 22.33 -9.98 -7.63
N MET B 128 21.36 -10.77 -8.08
CA MET B 128 19.97 -10.37 -7.98
C MET B 128 19.52 -9.89 -6.57
N PRO B 129 19.74 -10.71 -5.52
CA PRO B 129 19.30 -10.26 -4.18
C PRO B 129 19.95 -8.96 -3.69
N GLY B 130 21.24 -8.80 -3.95
CA GLY B 130 21.95 -7.56 -3.62
C GLY B 130 21.38 -6.36 -4.37
N LEU B 131 21.05 -6.55 -5.65
CA LEU B 131 20.38 -5.51 -6.44
C LEU B 131 18.99 -5.16 -5.91
N THR B 132 18.28 -6.18 -5.43
CA THR B 132 16.95 -6.01 -4.82
C THR B 132 17.04 -5.11 -3.58
N ALA B 133 18.02 -5.41 -2.73
CA ALA B 133 18.29 -4.63 -1.53
C ALA B 133 18.72 -3.20 -1.89
N TYR B 134 19.67 -3.09 -2.81
CA TYR B 134 20.17 -1.82 -3.31
C TYR B 134 19.01 -0.89 -3.72
N PHE B 135 18.25 -1.30 -4.75
CA PHE B 135 17.17 -0.46 -5.27
C PHE B 135 15.97 -0.32 -4.35
N GLY B 136 15.64 -1.40 -3.63
CA GLY B 136 14.57 -1.35 -2.63
C GLY B 136 14.83 -0.30 -1.56
N LEU B 137 16.05 -0.26 -1.06
CA LEU B 137 16.42 0.68 -0.01
C LEU B 137 16.66 2.08 -0.56
N LEU B 138 17.48 2.17 -1.60
CA LEU B 138 17.94 3.48 -2.08
C LEU B 138 16.91 4.20 -2.95
N GLU B 139 16.10 3.45 -3.68
CA GLU B 139 15.13 4.05 -4.58
C GLU B 139 13.68 3.96 -4.11
N VAL B 140 13.29 2.85 -3.50
CA VAL B 140 11.91 2.72 -3.02
C VAL B 140 11.76 3.38 -1.64
N CYS B 141 12.51 2.92 -0.64
CA CYS B 141 12.55 3.58 0.67
C CYS B 141 13.04 5.02 0.51
N GLY B 142 14.02 5.20 -0.37
CA GLY B 142 14.60 6.52 -0.68
C GLY B 142 15.39 7.15 0.45
N VAL B 143 16.19 6.35 1.14
CA VAL B 143 16.96 6.85 2.29
C VAL B 143 18.01 7.90 1.89
N LYS B 144 18.22 8.87 2.78
CA LYS B 144 19.15 9.97 2.55
C LYS B 144 20.18 10.08 3.68
N GLY B 145 19.93 9.37 4.77
CA GLY B 145 20.77 9.42 5.96
C GLY B 145 19.95 9.85 7.17
N GLY B 146 20.20 9.23 8.31
CA GLY B 146 19.50 9.56 9.55
C GLY B 146 18.23 8.78 9.81
N GLU B 147 17.66 8.17 8.77
CA GLU B 147 16.43 7.40 8.90
C GLU B 147 16.59 6.16 9.78
N THR B 148 15.53 5.78 10.48
CA THR B 148 15.48 4.48 11.14
C THR B 148 14.76 3.50 10.20
N VAL B 149 15.47 2.44 9.84
CA VAL B 149 15.01 1.44 8.89
C VAL B 149 14.78 0.10 9.59
N LEU B 150 13.62 -0.52 9.32
CA LEU B 150 13.32 -1.87 9.79
C LEU B 150 13.42 -2.82 8.59
N VAL B 151 14.02 -3.98 8.81
CA VAL B 151 14.08 -5.00 7.77
C VAL B 151 13.73 -6.38 8.34
N SER B 152 12.77 -7.04 7.70
CA SER B 152 12.40 -8.40 8.06
C SER B 152 13.24 -9.38 7.24
N ALA B 153 13.26 -10.65 7.65
CA ALA B 153 14.21 -11.65 7.12
C ALA B 153 15.61 -11.04 7.02
N ALA B 154 16.03 -10.37 8.08
CA ALA B 154 17.21 -9.49 8.06
C ALA B 154 18.51 -10.24 7.84
N ALA B 155 18.53 -11.53 8.20
CA ALA B 155 19.72 -12.36 8.06
C ALA B 155 19.71 -13.21 6.78
N GLY B 156 18.74 -12.95 5.90
CA GLY B 156 18.68 -13.60 4.59
C GLY B 156 19.51 -12.86 3.55
N ALA B 157 19.44 -13.30 2.30
CA ALA B 157 20.25 -12.72 1.23
C ALA B 157 20.00 -11.23 1.01
N VAL B 158 18.73 -10.87 0.83
CA VAL B 158 18.35 -9.48 0.60
C VAL B 158 18.54 -8.65 1.88
N GLY B 159 17.99 -9.16 2.98
CA GLY B 159 17.97 -8.45 4.25
C GLY B 159 19.32 -8.07 4.82
N SER B 160 20.28 -9.00 4.73
CA SER B 160 21.65 -8.75 5.15
C SER B 160 22.30 -7.60 4.38
N VAL B 161 22.04 -7.54 3.08
CA VAL B 161 22.53 -6.45 2.23
C VAL B 161 21.82 -5.13 2.58
N VAL B 162 20.49 -5.18 2.71
CA VAL B 162 19.70 -3.99 3.07
C VAL B 162 20.30 -3.28 4.28
N GLY B 163 20.42 -4.02 5.38
CA GLY B 163 20.89 -3.49 6.66
C GLY B 163 22.26 -2.84 6.57
N GLN B 164 23.17 -3.50 5.86
CA GLN B 164 24.54 -3.02 5.68
C GLN B 164 24.65 -1.79 4.77
N ILE B 165 23.85 -1.75 3.69
CA ILE B 165 23.82 -0.55 2.84
C ILE B 165 23.25 0.61 3.65
N ALA B 166 22.23 0.33 4.45
CA ALA B 166 21.61 1.34 5.32
C ALA B 166 22.60 1.91 6.34
N LYS B 167 23.48 1.06 6.87
CA LYS B 167 24.49 1.49 7.83
C LYS B 167 25.55 2.36 7.19
N LEU B 168 25.98 1.99 5.97
CA LEU B 168 26.99 2.77 5.26
C LEU B 168 26.43 4.09 4.74
N LYS B 169 25.09 4.14 4.58
CA LYS B 169 24.41 5.36 4.12
C LYS B 169 24.03 6.29 5.27
N GLY B 170 24.35 5.88 6.49
CA GLY B 170 24.13 6.71 7.67
C GLY B 170 22.79 6.55 8.38
N CYS B 171 22.13 5.42 8.18
CA CYS B 171 20.85 5.14 8.82
C CYS B 171 21.01 4.28 10.07
N LYS B 172 20.00 4.29 10.93
CA LYS B 172 19.87 3.36 12.04
C LYS B 172 19.04 2.16 11.56
N VAL B 173 19.54 0.94 11.80
CA VAL B 173 18.87 -0.26 11.27
C VAL B 173 18.42 -1.24 12.35
N VAL B 174 17.22 -1.75 12.17
CA VAL B 174 16.64 -2.73 13.09
C VAL B 174 16.29 -3.97 12.24
N GLY B 175 16.72 -5.13 12.70
CA GLY B 175 16.44 -6.36 11.97
C GLY B 175 15.60 -7.34 12.75
N ALA B 176 14.71 -8.03 12.04
CA ALA B 176 13.96 -9.15 12.59
C ALA B 176 14.35 -10.41 11.83
N ALA B 177 14.70 -11.46 12.57
CA ALA B 177 15.07 -12.76 12.00
C ALA B 177 14.57 -13.90 12.91
N GLY B 178 14.65 -15.13 12.44
CA GLY B 178 14.01 -16.26 13.11
C GLY B 178 14.85 -17.16 14.01
N SER B 179 16.03 -16.71 14.41
CA SER B 179 16.88 -17.49 15.32
C SER B 179 17.87 -16.62 16.09
N ASP B 180 18.26 -17.07 17.28
CA ASP B 180 19.24 -16.38 18.12
C ASP B 180 20.61 -16.26 17.48
N GLU B 181 21.03 -17.31 16.77
CA GLU B 181 22.27 -17.28 15.98
C GLU B 181 22.25 -16.13 14.96
N LYS B 182 21.12 -15.97 14.28
CA LYS B 182 20.95 -14.91 13.29
C LYS B 182 21.00 -13.53 13.95
N ILE B 183 20.39 -13.42 15.13
CA ILE B 183 20.39 -12.17 15.89
C ILE B 183 21.81 -11.73 16.26
N ALA B 184 22.61 -12.67 16.74
CA ALA B 184 24.00 -12.40 17.12
C ALA B 184 24.83 -12.00 15.90
N TYR B 185 24.57 -12.66 14.77
CA TYR B 185 25.23 -12.34 13.50
C TYR B 185 24.90 -10.92 13.04
N LEU B 186 23.63 -10.54 13.14
CA LEU B 186 23.17 -9.22 12.72
C LEU B 186 23.84 -8.10 13.51
N LYS B 187 23.93 -8.28 14.82
CA LYS B 187 24.60 -7.30 15.68
C LYS B 187 26.07 -7.19 15.32
N GLN B 188 26.68 -8.32 14.99
CA GLN B 188 28.10 -8.39 14.62
C GLN B 188 28.42 -7.65 13.32
N ILE B 189 27.49 -7.60 12.39
CA ILE B 189 27.73 -6.91 11.10
C ILE B 189 27.25 -5.45 11.06
N GLY B 190 26.70 -4.96 12.17
CA GLY B 190 26.46 -3.53 12.33
C GLY B 190 25.03 -3.07 12.53
N PHE B 191 24.09 -4.02 12.55
CA PHE B 191 22.69 -3.71 12.90
C PHE B 191 22.65 -3.08 14.29
N ASP B 192 21.92 -1.98 14.41
CA ASP B 192 21.81 -1.28 15.69
C ASP B 192 20.99 -2.07 16.69
N ALA B 193 19.95 -2.73 16.20
CA ALA B 193 19.15 -3.63 17.01
C ALA B 193 18.67 -4.81 16.16
N ALA B 194 18.45 -5.94 16.82
CA ALA B 194 17.92 -7.13 16.17
C ALA B 194 17.22 -8.00 17.19
N PHE B 195 16.10 -8.61 16.79
CA PHE B 195 15.34 -9.48 17.67
C PHE B 195 14.79 -10.69 16.93
N ASN B 196 14.58 -11.77 17.70
CA ASN B 196 14.00 -13.01 17.21
C ASN B 196 12.47 -12.90 17.25
N TYR B 197 11.85 -12.69 16.09
CA TYR B 197 10.40 -12.51 16.00
C TYR B 197 9.59 -13.74 16.48
N LYS B 198 10.22 -14.91 16.50
CA LYS B 198 9.54 -16.15 16.91
C LYS B 198 9.41 -16.30 18.41
N THR B 199 10.40 -15.78 19.15
CA THR B 199 10.53 -16.06 20.58
C THR B 199 10.19 -14.90 21.52
N VAL B 200 10.20 -13.68 21.00
CA VAL B 200 9.76 -12.51 21.78
C VAL B 200 8.32 -12.72 22.25
N ASN B 201 8.02 -12.31 23.48
CA ASN B 201 6.68 -12.47 24.04
C ASN B 201 5.64 -11.68 23.25
N SER B 202 5.99 -10.45 22.90
CA SER B 202 5.14 -9.59 22.06
C SER B 202 5.96 -8.96 20.94
N LEU B 203 5.51 -9.12 19.70
CA LEU B 203 6.17 -8.54 18.53
C LEU B 203 6.14 -7.01 18.56
N GLU B 204 5.02 -6.45 19.01
CA GLU B 204 4.84 -5.00 19.10
C GLU B 204 5.79 -4.37 20.12
N GLU B 205 5.97 -5.05 21.27
CA GLU B 205 6.87 -4.57 22.31
C GLU B 205 8.31 -4.50 21.81
N ALA B 206 8.75 -5.56 21.14
CA ALA B 206 10.09 -5.65 20.58
C ALA B 206 10.40 -4.53 19.58
N LEU B 207 9.40 -4.16 18.77
CA LEU B 207 9.55 -3.07 17.80
C LEU B 207 9.68 -1.69 18.48
N LYS B 208 8.88 -1.47 19.53
CA LYS B 208 8.93 -0.21 20.26
C LYS B 208 10.24 -0.11 21.07
N LYS B 209 10.63 -1.23 21.66
CA LYS B 209 11.91 -1.35 22.38
C LYS B 209 13.09 -0.98 21.47
N ALA B 210 13.10 -1.52 20.26
CA ALA B 210 14.19 -1.31 19.31
C ALA B 210 14.25 0.11 18.73
N SER B 211 13.10 0.76 18.63
CA SER B 211 13.03 2.15 18.16
C SER B 211 11.81 2.88 18.75
N PRO B 212 12.03 3.69 19.80
CA PRO B 212 10.96 4.48 20.42
C PRO B 212 10.38 5.56 19.50
N ASP B 213 11.22 6.15 18.66
CA ASP B 213 10.80 7.21 17.73
C ASP B 213 10.02 6.66 16.51
N GLY B 214 9.99 5.33 16.38
CA GLY B 214 9.29 4.69 15.25
C GLY B 214 10.19 4.50 14.04
N TYR B 215 9.58 4.17 12.91
CA TYR B 215 10.35 3.79 11.72
C TYR B 215 10.00 4.62 10.50
N ASP B 216 11.04 5.10 9.82
CA ASP B 216 10.90 5.87 8.59
C ASP B 216 10.55 4.98 7.39
N CYS B 217 11.25 3.85 7.29
CA CYS B 217 10.95 2.88 6.24
C CYS B 217 10.97 1.46 6.77
N TYR B 218 10.04 0.65 6.28
CA TYR B 218 10.06 -0.76 6.52
C TYR B 218 10.31 -1.49 5.20
N PHE B 219 11.45 -2.19 5.13
CA PHE B 219 11.78 -3.04 3.99
C PHE B 219 11.14 -4.40 4.26
N ASP B 220 9.98 -4.64 3.66
CA ASP B 220 9.16 -5.80 3.96
C ASP B 220 9.51 -7.01 3.08
N ASN B 221 10.08 -8.04 3.72
CA ASN B 221 10.39 -9.31 3.06
C ASN B 221 9.40 -10.43 3.40
N VAL B 222 8.51 -10.18 4.36
CA VAL B 222 7.67 -11.24 4.94
C VAL B 222 6.15 -11.05 4.79
N GLY B 223 5.68 -9.81 4.86
CA GLY B 223 4.25 -9.48 4.80
C GLY B 223 3.43 -10.17 5.88
N GLY B 224 2.21 -10.57 5.52
CA GLY B 224 1.32 -11.26 6.45
C GLY B 224 1.06 -10.48 7.73
N GLU B 225 0.86 -11.22 8.82
CA GLU B 225 0.54 -10.62 10.11
C GLU B 225 1.67 -9.74 10.66
N PHE B 226 2.91 -10.05 10.30
CA PHE B 226 4.09 -9.28 10.73
C PHE B 226 4.00 -7.84 10.22
N LEU B 227 3.67 -7.69 8.93
CA LEU B 227 3.46 -6.37 8.31
C LEU B 227 2.35 -5.56 8.99
N ASN B 228 1.24 -6.23 9.30
CA ASN B 228 0.11 -5.62 10.00
C ASN B 228 0.58 -4.99 11.32
N THR B 229 1.39 -5.73 12.07
CA THR B 229 1.92 -5.27 13.36
C THR B 229 2.81 -4.05 13.21
N VAL B 230 3.62 -4.03 12.15
CA VAL B 230 4.59 -2.95 11.89
C VAL B 230 3.96 -1.58 11.62
N LEU B 231 2.79 -1.56 10.98
CA LEU B 231 2.16 -0.30 10.58
C LEU B 231 1.87 0.62 11.77
N SER B 232 1.49 0.04 12.90
CA SER B 232 1.27 0.79 14.14
C SER B 232 2.53 1.48 14.65
N GLN B 233 3.69 0.98 14.21
CA GLN B 233 4.99 1.46 14.66
C GLN B 233 5.59 2.47 13.71
N MET B 234 5.01 2.57 12.51
CA MET B 234 5.53 3.46 11.47
C MET B 234 5.42 4.92 11.86
N LYS B 235 6.37 5.71 11.40
CA LYS B 235 6.31 7.17 11.51
C LYS B 235 5.29 7.71 10.52
N ASP B 236 4.80 8.92 10.79
CA ASP B 236 3.88 9.60 9.87
C ASP B 236 4.56 9.84 8.53
N PHE B 237 3.84 9.51 7.46
CA PHE B 237 4.35 9.62 6.08
C PHE B 237 5.51 8.65 5.83
N GLY B 238 5.56 7.59 6.65
CA GLY B 238 6.58 6.55 6.51
C GLY B 238 6.36 5.73 5.26
N LYS B 239 7.41 5.04 4.83
CA LYS B 239 7.39 4.26 3.60
C LYS B 239 7.53 2.77 3.90
N ILE B 240 6.75 1.95 3.20
CA ILE B 240 6.88 0.50 3.28
C ILE B 240 7.27 0.01 1.89
N ALA B 241 8.45 -0.61 1.79
CA ALA B 241 8.89 -1.20 0.54
C ALA B 241 8.50 -2.67 0.52
N ILE B 242 7.53 -3.01 -0.32
CA ILE B 242 7.01 -4.38 -0.42
C ILE B 242 7.88 -5.15 -1.40
N CYS B 243 8.85 -5.86 -0.84
CA CYS B 243 9.81 -6.62 -1.63
C CYS B 243 9.33 -8.05 -1.82
N GLY B 244 8.86 -8.64 -0.72
CA GLY B 244 8.35 -9.99 -0.73
C GLY B 244 7.33 -10.18 0.38
N ALA B 245 6.75 -11.36 0.44
CA ALA B 245 5.72 -11.68 1.41
C ALA B 245 5.82 -13.15 1.81
N ILE B 246 7.03 -13.58 2.15
CA ILE B 246 7.29 -15.01 2.37
C ILE B 246 6.39 -15.71 3.40
N SER B 247 5.86 -14.96 4.36
CA SER B 247 5.00 -15.56 5.40
C SER B 247 3.66 -16.04 4.86
N VAL B 248 3.35 -15.68 3.60
CA VAL B 248 2.08 -16.11 2.98
C VAL B 248 2.23 -16.97 1.71
N TYR B 249 3.48 -17.25 1.30
CA TYR B 249 3.73 -17.99 0.06
C TYR B 249 3.12 -19.41 0.05
N ASN B 250 3.00 -20.00 1.24
CA ASN B 250 2.37 -21.34 1.37
C ASN B 250 0.85 -21.32 1.48
N ARG B 251 0.26 -20.12 1.55
CA ARG B 251 -1.17 -19.96 1.78
C ARG B 251 -1.71 -18.77 0.98
N MET B 252 -1.30 -18.68 -0.29
CA MET B 252 -1.70 -17.55 -1.14
C MET B 252 -3.21 -17.45 -1.35
N ASP B 253 -3.92 -18.58 -1.24
CA ASP B 253 -5.37 -18.64 -1.44
C ASP B 253 -6.12 -18.68 -0.11
N GLN B 254 -5.37 -18.70 0.99
CA GLN B 254 -5.93 -18.70 2.34
C GLN B 254 -5.18 -17.67 3.17
N LEU B 255 -5.30 -16.40 2.77
CA LEU B 255 -4.53 -15.31 3.36
C LEU B 255 -5.03 -14.94 4.76
N PRO B 256 -4.13 -14.43 5.62
CA PRO B 256 -4.54 -13.89 6.90
C PRO B 256 -5.22 -12.54 6.72
N PRO B 257 -5.90 -12.01 7.76
CA PRO B 257 -6.44 -10.65 7.72
C PRO B 257 -5.42 -9.63 7.22
N GLY B 258 -5.91 -8.58 6.55
CA GLY B 258 -5.06 -7.57 5.94
C GLY B 258 -4.74 -6.37 6.83
N PRO B 259 -4.00 -5.38 6.26
CA PRO B 259 -3.54 -4.19 6.97
C PRO B 259 -4.67 -3.34 7.53
N SER B 260 -4.34 -2.49 8.50
CA SER B 260 -5.31 -1.59 9.12
C SER B 260 -5.46 -0.31 8.31
N PRO B 261 -6.68 -0.04 7.82
CA PRO B 261 -6.97 1.24 7.15
C PRO B 261 -6.73 2.42 8.08
N GLU B 262 -7.07 2.25 9.36
CA GLU B 262 -6.78 3.26 10.38
C GLU B 262 -5.32 3.70 10.35
N SER B 263 -4.40 2.74 10.46
CA SER B 263 -2.97 3.02 10.44
C SER B 263 -2.51 3.69 9.14
N ILE B 264 -2.96 3.17 8.01
CA ILE B 264 -2.55 3.68 6.70
C ILE B 264 -3.04 5.11 6.47
N ILE B 265 -4.31 5.38 6.82
CA ILE B 265 -4.88 6.72 6.69
C ILE B 265 -4.36 7.67 7.79
N TYR B 266 -4.60 7.31 9.05
CA TYR B 266 -4.20 8.15 10.20
C TYR B 266 -2.73 8.58 10.17
N LYS B 267 -1.85 7.67 9.75
CA LYS B 267 -0.41 7.96 9.66
C LYS B 267 0.03 8.36 8.26
N GLN B 268 -0.89 8.26 7.29
CA GLN B 268 -0.63 8.64 5.89
C GLN B 268 0.57 7.89 5.27
N LEU B 269 0.56 6.58 5.43
CA LEU B 269 1.66 5.71 4.99
C LEU B 269 1.70 5.52 3.48
N ARG B 270 2.91 5.33 2.97
CA ARG B 270 3.12 5.04 1.56
C ARG B 270 3.66 3.62 1.43
N ILE B 271 2.91 2.78 0.73
CA ILE B 271 3.25 1.38 0.48
C ILE B 271 3.54 1.22 -1.01
N GLU B 272 4.71 0.66 -1.34
CA GLU B 272 5.05 0.41 -2.73
C GLU B 272 5.67 -0.95 -2.97
N GLY B 273 5.10 -1.69 -3.91
CA GLY B 273 5.68 -2.95 -4.38
C GLY B 273 6.73 -2.64 -5.44
N PHE B 274 7.75 -3.49 -5.54
CA PHE B 274 8.76 -3.32 -6.56
C PHE B 274 9.34 -4.65 -7.00
N ILE B 275 9.83 -4.67 -8.24
CA ILE B 275 10.50 -5.81 -8.84
C ILE B 275 11.90 -5.37 -9.22
N VAL B 276 12.90 -6.14 -8.79
CA VAL B 276 14.31 -5.81 -9.01
C VAL B 276 14.64 -5.49 -10.47
N TYR B 277 13.94 -6.13 -11.40
CA TYR B 277 14.22 -6.01 -12.84
C TYR B 277 13.73 -4.69 -13.46
N ARG B 278 13.08 -3.86 -12.66
CA ARG B 278 12.69 -2.50 -13.06
C ARG B 278 13.91 -1.66 -13.45
N TRP B 279 15.02 -1.90 -12.75
CA TRP B 279 16.27 -1.18 -12.99
C TRP B 279 17.20 -1.99 -13.88
N GLN B 280 17.46 -1.48 -15.08
CA GLN B 280 18.29 -2.18 -16.07
C GLN B 280 19.32 -1.25 -16.72
N GLY B 281 20.23 -1.82 -17.50
CA GLY B 281 21.22 -1.05 -18.24
C GLY B 281 22.31 -0.45 -17.37
N ASP B 282 22.62 0.82 -17.60
CA ASP B 282 23.68 1.52 -16.87
C ASP B 282 23.45 1.65 -15.37
N VAL B 283 22.20 1.92 -14.98
CA VAL B 283 21.85 2.04 -13.56
C VAL B 283 22.05 0.70 -12.82
N ARG B 284 21.72 -0.40 -13.50
CA ARG B 284 21.91 -1.75 -12.95
C ARG B 284 23.39 -2.10 -12.85
N GLU B 285 24.16 -1.79 -13.90
CA GLU B 285 25.59 -2.09 -13.92
C GLU B 285 26.36 -1.32 -12.85
N LYS B 286 25.97 -0.06 -12.63
CA LYS B 286 26.60 0.80 -11.63
C LYS B 286 26.31 0.29 -10.22
N ALA B 287 25.08 -0.19 -10.01
CA ALA B 287 24.67 -0.82 -8.76
C ALA B 287 25.53 -2.04 -8.45
N LEU B 288 25.79 -2.87 -9.46
CA LEU B 288 26.66 -4.04 -9.31
C LEU B 288 28.09 -3.66 -8.94
N ARG B 289 28.64 -2.68 -9.65
CA ARG B 289 29.98 -2.15 -9.36
C ARG B 289 30.05 -1.58 -7.94
N ASP B 290 28.98 -0.90 -7.51
CA ASP B 290 28.88 -0.36 -6.15
C ASP B 290 28.88 -1.48 -5.11
N LEU B 291 28.11 -2.53 -5.39
CA LEU B 291 28.01 -3.67 -4.50
C LEU B 291 29.36 -4.37 -4.33
N MET B 292 30.04 -4.64 -5.44
CA MET B 292 31.37 -5.24 -5.40
C MET B 292 32.36 -4.36 -4.64
N LYS B 293 32.37 -3.06 -4.93
CA LYS B 293 33.24 -2.11 -4.23
C LYS B 293 33.04 -2.14 -2.72
N TRP B 294 31.77 -2.10 -2.30
CA TRP B 294 31.44 -2.11 -0.87
C TRP B 294 31.80 -3.43 -0.19
N VAL B 295 31.73 -4.52 -0.94
CA VAL B 295 32.19 -5.83 -0.46
C VAL B 295 33.71 -5.82 -0.32
N LEU B 296 34.40 -5.37 -1.38
CA LEU B 296 35.86 -5.29 -1.39
C LEU B 296 36.41 -4.32 -0.33
N GLU B 297 35.63 -3.28 0.00
CA GLU B 297 35.96 -2.33 1.06
C GLU B 297 35.65 -2.84 2.47
N GLY B 298 34.89 -3.93 2.56
CA GLY B 298 34.50 -4.49 3.85
C GLY B 298 33.29 -3.83 4.49
N LYS B 299 32.63 -2.96 3.74
CA LYS B 299 31.40 -2.30 4.20
C LYS B 299 30.20 -3.24 4.08
N ILE B 300 30.28 -4.20 3.17
CA ILE B 300 29.29 -5.26 3.06
C ILE B 300 29.95 -6.62 3.27
N GLN B 301 29.79 -7.17 4.45
CA GLN B 301 30.23 -8.51 4.73
C GLN B 301 29.18 -9.48 4.21
N TYR B 302 29.60 -10.69 3.87
CA TYR B 302 28.69 -11.70 3.34
C TYR B 302 28.90 -13.03 4.02
N HIS B 303 27.83 -13.81 4.10
CA HIS B 303 27.91 -15.21 4.45
C HIS B 303 27.05 -15.97 3.47
N GLU B 304 27.50 -17.17 3.09
CA GLU B 304 26.71 -18.01 2.20
C GLU B 304 26.33 -19.29 2.92
N HIS B 305 25.09 -19.71 2.73
CA HIS B 305 24.60 -20.97 3.28
C HIS B 305 24.71 -22.01 2.18
N VAL B 306 25.85 -22.69 2.15
CA VAL B 306 26.20 -23.60 1.06
C VAL B 306 25.76 -25.04 1.30
N THR B 307 25.02 -25.58 0.34
CA THR B 307 24.68 -26.98 0.28
C THR B 307 25.59 -27.61 -0.75
N LYS B 308 26.30 -28.67 -0.33
CA LYS B 308 27.16 -29.43 -1.24
C LYS B 308 26.38 -30.56 -1.92
N GLY B 309 26.33 -30.53 -3.25
CA GLY B 309 25.76 -31.63 -4.02
C GLY B 309 24.42 -31.32 -4.66
N PHE B 310 24.34 -31.52 -5.97
CA PHE B 310 23.12 -31.29 -6.73
C PHE B 310 21.91 -32.09 -6.21
N GLU B 311 22.13 -33.35 -5.81
CA GLU B 311 21.01 -34.18 -5.30
C GLU B 311 20.44 -33.67 -3.96
N ASN B 312 21.04 -32.62 -3.42
CA ASN B 312 20.56 -31.99 -2.19
C ASN B 312 19.82 -30.68 -2.43
N MET B 313 19.57 -30.37 -3.70
CA MET B 313 18.97 -29.08 -4.06
C MET B 313 17.52 -28.87 -3.59
N PRO B 314 16.62 -29.86 -3.79
CA PRO B 314 15.29 -29.64 -3.23
C PRO B 314 15.31 -29.40 -1.73
N ALA B 315 16.16 -30.12 -1.00
CA ALA B 315 16.27 -29.94 0.45
C ALA B 315 16.79 -28.55 0.79
N ALA B 316 17.75 -28.05 0.00
CA ALA B 316 18.27 -26.68 0.15
C ALA B 316 17.16 -25.64 0.00
N PHE B 317 16.27 -25.85 -0.97
CA PHE B 317 15.14 -24.96 -1.23
C PHE B 317 14.12 -25.02 -0.10
N ILE B 318 13.72 -26.24 0.28
CA ILE B 318 12.78 -26.46 1.39
C ILE B 318 13.27 -25.81 2.70
N GLU B 319 14.54 -26.03 3.04
CA GLU B 319 15.08 -25.51 4.30
C GLU B 319 15.26 -23.99 4.27
N MET B 320 15.61 -23.44 3.11
CA MET B 320 15.69 -21.99 2.96
C MET B 320 14.32 -21.35 3.22
N LEU B 321 13.25 -21.94 2.67
CA LEU B 321 11.91 -21.43 2.94
C LEU B 321 11.54 -21.52 4.41
N ASN B 322 12.05 -22.57 5.07
CA ASN B 322 11.82 -22.81 6.50
C ASN B 322 12.76 -22.00 7.41
N GLY B 323 13.72 -21.32 6.79
CA GLY B 323 14.61 -20.41 7.52
C GLY B 323 15.91 -20.97 8.07
N ALA B 324 16.40 -22.05 7.47
CA ALA B 324 17.67 -22.65 7.86
C ALA B 324 18.89 -21.78 7.51
N ASN B 325 18.75 -20.96 6.47
CA ASN B 325 19.88 -20.24 5.91
C ASN B 325 20.23 -18.93 6.62
N LEU B 326 21.52 -18.78 6.94
CA LEU B 326 22.11 -17.49 7.27
C LEU B 326 22.83 -17.00 6.02
N GLY B 327 22.36 -15.89 5.46
CA GLY B 327 22.86 -15.41 4.18
C GLY B 327 22.32 -16.21 3.01
N LYS B 328 22.88 -15.96 1.82
CA LYS B 328 22.36 -16.57 0.59
C LYS B 328 22.46 -18.08 0.56
N ALA B 329 21.34 -18.74 0.28
CA ALA B 329 21.31 -20.18 0.07
C ALA B 329 21.80 -20.51 -1.33
N VAL B 330 22.79 -21.38 -1.42
CA VAL B 330 23.39 -21.73 -2.71
C VAL B 330 23.87 -23.17 -2.75
N VAL B 331 23.67 -23.82 -3.89
CA VAL B 331 24.05 -25.21 -4.10
C VAL B 331 25.33 -25.27 -4.94
N THR B 332 26.34 -25.95 -4.39
CA THR B 332 27.56 -26.23 -5.14
C THR B 332 27.42 -27.60 -5.75
N ALA B 333 27.51 -27.65 -7.08
CA ALA B 333 27.48 -28.91 -7.79
C ALA B 333 28.79 -29.69 -7.60
#